data_6U7Z
# 
_entry.id   6U7Z 
# 
_audit_conform.dict_name       mmcif_pdbx.dic 
_audit_conform.dict_version    5.395 
_audit_conform.dict_location   http://mmcif.pdb.org/dictionaries/ascii/mmcif_pdbx.dic 
# 
loop_
_database_2.database_id 
_database_2.database_code 
_database_2.pdbx_database_accession 
_database_2.pdbx_DOI 
PDB   6U7Z         pdb_00006u7z 10.2210/pdb6u7z/pdb 
WWPDB D_1000244122 ?            ?                   
# 
loop_
_pdbx_audit_revision_history.ordinal 
_pdbx_audit_revision_history.data_content_type 
_pdbx_audit_revision_history.major_revision 
_pdbx_audit_revision_history.minor_revision 
_pdbx_audit_revision_history.revision_date 
1 'Structure model' 1 0 2020-12-09 
2 'Structure model' 1 1 2021-01-06 
3 'Structure model' 1 2 2021-02-03 
4 'Structure model' 1 3 2023-10-11 
5 'Structure model' 2 0 2024-07-03 
# 
_pdbx_audit_revision_details.ordinal             1 
_pdbx_audit_revision_details.revision_ordinal    1 
_pdbx_audit_revision_details.data_content_type   'Structure model' 
_pdbx_audit_revision_details.provider            repository 
_pdbx_audit_revision_details.type                'Initial release' 
_pdbx_audit_revision_details.description         ? 
_pdbx_audit_revision_details.details             ? 
# 
loop_
_pdbx_audit_revision_group.ordinal 
_pdbx_audit_revision_group.revision_ordinal 
_pdbx_audit_revision_group.data_content_type 
_pdbx_audit_revision_group.group 
1  2 'Structure model' 'Database references'     
2  3 'Structure model' 'Database references'     
3  4 'Structure model' 'Data collection'         
4  4 'Structure model' 'Database references'     
5  4 'Structure model' 'Refinement description'  
6  5 'Structure model' Advisory                  
7  5 'Structure model' 'Atomic model'            
8  5 'Structure model' 'Data collection'         
9  5 'Structure model' 'Derived calculations'    
10 5 'Structure model' 'Non-polymer description' 
11 5 'Structure model' 'Polymer sequence'        
12 5 'Structure model' 'Structure summary'       
# 
loop_
_pdbx_audit_revision_category.ordinal 
_pdbx_audit_revision_category.revision_ordinal 
_pdbx_audit_revision_category.data_content_type 
_pdbx_audit_revision_category.category 
1  2 'Structure model' citation                      
2  3 'Structure model' citation                      
3  4 'Structure model' chem_comp_atom                
4  4 'Structure model' chem_comp_bond                
5  4 'Structure model' database_2                    
6  4 'Structure model' pdbx_initial_refinement_model 
7  5 'Structure model' atom_site                     
8  5 'Structure model' chem_comp                     
9  5 'Structure model' chem_comp_atom                
10 5 'Structure model' chem_comp_bond                
11 5 'Structure model' entity_poly                   
12 5 'Structure model' entity_poly_seq               
13 5 'Structure model' ndb_struct_na_base_pair       
14 5 'Structure model' ndb_struct_na_base_pair_step  
15 5 'Structure model' pdbx_entity_nonpoly           
16 5 'Structure model' pdbx_nonpoly_scheme           
17 5 'Structure model' pdbx_poly_seq_scheme          
18 5 'Structure model' pdbx_unobs_or_zero_occ_atoms  
19 5 'Structure model' struct_conn                   
20 5 'Structure model' struct_site                   
# 
loop_
_pdbx_audit_revision_item.ordinal 
_pdbx_audit_revision_item.revision_ordinal 
_pdbx_audit_revision_item.data_content_type 
_pdbx_audit_revision_item.item 
1  2 'Structure model' '_citation.pdbx_database_id_DOI'            
2  2 'Structure model' '_citation.pdbx_database_id_PubMed'         
3  2 'Structure model' '_citation.title'                           
4  3 'Structure model' '_citation.journal_volume'                  
5  3 'Structure model' '_citation.page_first'                      
6  3 'Structure model' '_citation.page_last'                       
7  3 'Structure model' '_citation.year'                            
8  4 'Structure model' '_database_2.pdbx_DOI'                      
9  4 'Structure model' '_database_2.pdbx_database_accession'       
10 5 'Structure model' '_atom_site.B_iso_or_equiv'                 
11 5 'Structure model' '_atom_site.Cartn_x'                        
12 5 'Structure model' '_atom_site.Cartn_y'                        
13 5 'Structure model' '_atom_site.Cartn_z'                        
14 5 'Structure model' '_atom_site.auth_atom_id'                   
15 5 'Structure model' '_atom_site.auth_comp_id'                   
16 5 'Structure model' '_atom_site.group_PDB'                      
17 5 'Structure model' '_atom_site.label_atom_id'                  
18 5 'Structure model' '_atom_site.label_comp_id'                  
19 5 'Structure model' '_atom_site.type_symbol'                    
20 5 'Structure model' '_chem_comp.formula'                        
21 5 'Structure model' '_chem_comp.formula_weight'                 
22 5 'Structure model' '_chem_comp.id'                             
23 5 'Structure model' '_chem_comp.mon_nstd_flag'                  
24 5 'Structure model' '_chem_comp.name'                           
25 5 'Structure model' '_chem_comp.type'                           
26 5 'Structure model' '_entity_poly.pdbx_seq_one_letter_code'     
27 5 'Structure model' '_entity_poly.pdbx_seq_one_letter_code_can' 
28 5 'Structure model' '_entity_poly_seq.mon_id'                   
29 5 'Structure model' '_pdbx_entity_nonpoly.comp_id'              
30 5 'Structure model' '_pdbx_nonpoly_scheme.mon_id'               
31 5 'Structure model' '_pdbx_nonpoly_scheme.pdb_mon_id'           
32 5 'Structure model' '_pdbx_poly_seq_scheme.mon_id'              
33 5 'Structure model' '_pdbx_poly_seq_scheme.pdb_mon_id'          
34 5 'Structure model' '_struct_site.details'                      
35 5 'Structure model' '_struct_site.pdbx_auth_comp_id'            
# 
_pdbx_database_status.status_code                     REL 
_pdbx_database_status.status_code_sf                  REL 
_pdbx_database_status.status_code_mr                  ? 
_pdbx_database_status.entry_id                        6U7Z 
_pdbx_database_status.recvd_initial_deposition_date   2019-09-03 
_pdbx_database_status.SG_entry                        N 
_pdbx_database_status.deposit_site                    RCSB 
_pdbx_database_status.process_site                    RCSB 
_pdbx_database_status.status_code_cs                  ? 
_pdbx_database_status.methods_development_category    ? 
_pdbx_database_status.pdb_format_compatible           Y 
_pdbx_database_status.status_code_nmr_data            ? 
# 
loop_
_audit_author.name 
_audit_author.pdbx_ordinal 
_audit_author.identifier_ORCID 
'Szostak, J.W.' 1 ? 
'Zhang, W.'     2 ? 
# 
_citation.abstract                  ? 
_citation.abstract_id_CAS           ? 
_citation.book_id_ISBN              ? 
_citation.book_publisher            ? 
_citation.book_publisher_city       ? 
_citation.book_title                ? 
_citation.coordinate_linkage        ? 
_citation.country                   UK 
_citation.database_id_Medline       ? 
_citation.details                   ? 
_citation.id                        primary 
_citation.journal_abbrev            'Nucleic Acids Res.' 
_citation.journal_id_ASTM           NARHAD 
_citation.journal_id_CSD            0389 
_citation.journal_id_ISSN           1362-4962 
_citation.journal_full              ? 
_citation.journal_issue             ? 
_citation.journal_volume            49 
_citation.language                  ? 
_citation.page_first                646 
_citation.page_last                 656 
_citation.title                     
'Structural interpretation of the effects of threo-nucleotides on nonenzymatic template-directed polymerization.' 
_citation.year                      2021 
_citation.database_id_CSD           ? 
_citation.pdbx_database_id_DOI      10.1093/nar/gkaa1215 
_citation.pdbx_database_id_PubMed   33347562 
_citation.unpublished_flag          ? 
# 
loop_
_citation_author.citation_id 
_citation_author.name 
_citation_author.ordinal 
_citation_author.identifier_ORCID 
primary 'Zhang, W.'      1 ? 
primary 'Kim, S.C.'      2 ? 
primary 'Tam, C.P.'      3 ? 
primary 'Lelyveld, V.S.' 4 ? 
primary 'Bala, S.'       5 ? 
primary 'Chaput, J.C.'   6 ? 
primary 'Szostak, J.W.'  7 ? 
# 
loop_
_entity.id 
_entity.type 
_entity.src_method 
_entity.pdbx_description 
_entity.formula_weight 
_entity.pdbx_number_of_molecules 
_entity.pdbx_ec 
_entity.pdbx_mutation 
_entity.pdbx_fragment 
_entity.details 
1 polymer     syn 
;RNA (5'-R(*CP*UP*GP*CP*UP*GP*GP*CP*UP*AP*AP*GP*GP*GP*CP*CP*GP*AP*AP*AP*GP*(TG))-3')
;
7121.296 1 ? ? ? ? 
2 polymer     syn 
;RNA (5'-R(*CP*UP*AP*UP*GP*CP*CP*UP*GP*CP*UP*G)-3')
;
3765.256 1 ? ? ? ? 
3 non-polymer syn "CYTIDINE-5'-MONOPHOSPHATE"                                                           323.197  1 ? ? ? ? 
4 water       nat water                                                                                 18.015   1 ? ? ? ? 
# 
loop_
_entity_poly.entity_id 
_entity_poly.type 
_entity_poly.nstd_linkage 
_entity_poly.nstd_monomer 
_entity_poly.pdbx_seq_one_letter_code 
_entity_poly.pdbx_seq_one_letter_code_can 
_entity_poly.pdbx_strand_id 
_entity_poly.pdbx_target_identifier 
1 polyribonucleotide no yes '(C5P)UGCUGGCUAAGGGCCGAAAG(TG)' XUGCUGGCUAAGGGCCGAAAGX A ? 
2 polyribonucleotide no no  CUAUGCCUGCUG                    CUAUGCCUGCUG           B ? 
# 
loop_
_pdbx_entity_nonpoly.entity_id 
_pdbx_entity_nonpoly.name 
_pdbx_entity_nonpoly.comp_id 
3 "CYTIDINE-5'-MONOPHOSPHATE" C5P 
4 water                       HOH 
# 
loop_
_entity_poly_seq.entity_id 
_entity_poly_seq.num 
_entity_poly_seq.mon_id 
_entity_poly_seq.hetero 
1 1  C5P n 
1 2  U   n 
1 3  G   n 
1 4  C   n 
1 5  U   n 
1 6  G   n 
1 7  G   n 
1 8  C   n 
1 9  U   n 
1 10 A   n 
1 11 A   n 
1 12 G   n 
1 13 G   n 
1 14 G   n 
1 15 C   n 
1 16 C   n 
1 17 G   n 
1 18 A   n 
1 19 A   n 
1 20 A   n 
1 21 G   n 
1 22 TG  n 
2 1  C   n 
2 2  U   n 
2 3  A   n 
2 4  U   n 
2 5  G   n 
2 6  C   n 
2 7  C   n 
2 8  U   n 
2 9  G   n 
2 10 C   n 
2 11 U   n 
2 12 G   n 
# 
loop_
_pdbx_entity_src_syn.entity_id 
_pdbx_entity_src_syn.pdbx_src_id 
_pdbx_entity_src_syn.pdbx_alt_source_flag 
_pdbx_entity_src_syn.pdbx_beg_seq_num 
_pdbx_entity_src_syn.pdbx_end_seq_num 
_pdbx_entity_src_syn.organism_scientific 
_pdbx_entity_src_syn.organism_common_name 
_pdbx_entity_src_syn.ncbi_taxonomy_id 
_pdbx_entity_src_syn.details 
1 1 sample 1 22 'synthetic construct' ? 32630 ? 
2 1 sample 1 12 'synthetic construct' ? 32630 ? 
# 
loop_
_chem_comp.id 
_chem_comp.type 
_chem_comp.mon_nstd_flag 
_chem_comp.name 
_chem_comp.pdbx_synonyms 
_chem_comp.formula 
_chem_comp.formula_weight 
A   'RNA linking' y "ADENOSINE-5'-MONOPHOSPHATE" ? 'C10 H14 N5 O7 P' 347.221 
C   'RNA linking' y "CYTIDINE-5'-MONOPHOSPHATE" ? 'C9 H14 N3 O8 P'  323.197 
C5P non-polymer   . "CYTIDINE-5'-MONOPHOSPHATE" ? 'C9 H14 N3 O8 P'  323.197 
G   'RNA linking' y "GUANOSINE-5'-MONOPHOSPHATE" ? 'C10 H14 N5 O8 P' 363.221 
HOH non-polymer   . WATER ? 'H2 O'            18.015  
TG  'RNA linking' n 
'2-azanyl-9-[(2~{R},3~{R},4~{S})-3-oxidanyl-4-[oxidanyl-bis(oxidanylidene)-$l^{6}-phosphanyl]oxy-oxolan-2-yl]-1~{H}-purin-6-one' ? 
'C9 H11 N5 O7 P'  332.187 
U   'RNA linking' y "URIDINE-5'-MONOPHOSPHATE" ? 'C9 H13 N2 O9 P'  324.181 
# 
loop_
_pdbx_poly_seq_scheme.asym_id 
_pdbx_poly_seq_scheme.entity_id 
_pdbx_poly_seq_scheme.seq_id 
_pdbx_poly_seq_scheme.mon_id 
_pdbx_poly_seq_scheme.ndb_seq_num 
_pdbx_poly_seq_scheme.pdb_seq_num 
_pdbx_poly_seq_scheme.auth_seq_num 
_pdbx_poly_seq_scheme.pdb_mon_id 
_pdbx_poly_seq_scheme.auth_mon_id 
_pdbx_poly_seq_scheme.pdb_strand_id 
_pdbx_poly_seq_scheme.pdb_ins_code 
_pdbx_poly_seq_scheme.hetero 
A 1 1  C5P 1  1  1  C5P C   A . n 
A 1 2  U   2  2  2  U   U   A . n 
A 1 3  G   3  3  3  G   G   A . n 
A 1 4  C   4  4  4  C   C   A . n 
A 1 5  U   5  5  5  U   U   A . n 
A 1 6  G   6  6  6  G   G   A . n 
A 1 7  G   7  7  7  G   G   A . n 
A 1 8  C   8  8  8  C   C   A . n 
A 1 9  U   9  9  9  U   U   A . n 
A 1 10 A   10 10 10 A   A   A . n 
A 1 11 A   11 11 11 A   A   A . n 
A 1 12 G   12 12 12 G   G   A . n 
A 1 13 G   13 13 13 G   G   A . n 
A 1 14 G   14 14 14 G   G   A . n 
A 1 15 C   15 15 15 C   C   A . n 
A 1 16 C   16 16 16 C   C   A . n 
A 1 17 G   17 17 17 G   G   A . n 
A 1 18 A   18 18 18 A   A   A . n 
A 1 19 A   19 19 19 A   A   A . n 
A 1 20 A   20 20 20 A   A   A . n 
A 1 21 G   21 21 21 G   G   A . n 
A 1 22 TG  22 22 22 TG  TFG A . n 
B 2 1  C   1  1  1  C   C   B . n 
B 2 2  U   2  2  2  U   U   B . n 
B 2 3  A   3  3  3  A   A   B . n 
B 2 4  U   4  4  4  U   U   B . n 
B 2 5  G   5  5  5  G   G   B . n 
B 2 6  C   6  6  6  C   C   B . n 
B 2 7  C   7  7  7  C   C   B . n 
B 2 8  U   8  8  8  U   U   B . n 
B 2 9  G   9  9  9  G   G   B . n 
B 2 10 C   10 10 10 C   C   B . n 
B 2 11 U   11 11 11 U   U   B . n 
B 2 12 G   12 12 12 G   G   B . n 
# 
loop_
_pdbx_nonpoly_scheme.asym_id 
_pdbx_nonpoly_scheme.entity_id 
_pdbx_nonpoly_scheme.mon_id 
_pdbx_nonpoly_scheme.ndb_seq_num 
_pdbx_nonpoly_scheme.pdb_seq_num 
_pdbx_nonpoly_scheme.auth_seq_num 
_pdbx_nonpoly_scheme.pdb_mon_id 
_pdbx_nonpoly_scheme.auth_mon_id 
_pdbx_nonpoly_scheme.pdb_strand_id 
_pdbx_nonpoly_scheme.pdb_ins_code 
C 3 C5P 1 101 1 C5P C   A . 
D 4 HOH 1 201 1 HOH HOH A . 
# 
_pdbx_unobs_or_zero_occ_atoms.id               1 
_pdbx_unobs_or_zero_occ_atoms.PDB_model_num    1 
_pdbx_unobs_or_zero_occ_atoms.polymer_flag     Y 
_pdbx_unobs_or_zero_occ_atoms.occupancy_flag   1 
_pdbx_unobs_or_zero_occ_atoms.auth_asym_id     A 
_pdbx_unobs_or_zero_occ_atoms.auth_comp_id     C5P 
_pdbx_unobs_or_zero_occ_atoms.auth_seq_id      1 
_pdbx_unobs_or_zero_occ_atoms.PDB_ins_code     ? 
_pdbx_unobs_or_zero_occ_atoms.auth_atom_id     O3P 
_pdbx_unobs_or_zero_occ_atoms.label_alt_id     ? 
_pdbx_unobs_or_zero_occ_atoms.label_asym_id    A 
_pdbx_unobs_or_zero_occ_atoms.label_comp_id    C5P 
_pdbx_unobs_or_zero_occ_atoms.label_seq_id     1 
_pdbx_unobs_or_zero_occ_atoms.label_atom_id    O3P 
# 
loop_
_software.citation_id 
_software.classification 
_software.compiler_name 
_software.compiler_version 
_software.contact_author 
_software.contact_author_email 
_software.date 
_software.description 
_software.dependencies 
_software.hardware 
_software.language 
_software.location 
_software.mods 
_software.name 
_software.os 
_software.os_version 
_software.type 
_software.version 
_software.pdbx_ordinal 
? refinement       ? ? ? ? ? ? ? ? ? ? ? REFMAC   ? ? ? 5.8.0189 1 
? 'data reduction' ? ? ? ? ? ? ? ? ? ? ? HKL-2000 ? ? ? .        2 
? 'data scaling'   ? ? ? ? ? ? ? ? ? ? ? HKL-2000 ? ? ? .        3 
? phasing          ? ? ? ? ? ? ? ? ? ? ? PHASER   ? ? ? .        4 
# 
_cell.angle_alpha                  90.00 
_cell.angle_alpha_esd              ? 
_cell.angle_beta                   90.00 
_cell.angle_beta_esd               ? 
_cell.angle_gamma                  120.00 
_cell.angle_gamma_esd              ? 
_cell.entry_id                     6U7Z 
_cell.details                      ? 
_cell.formula_units_Z              ? 
_cell.length_a                     71.319 
_cell.length_a_esd                 ? 
_cell.length_b                     71.319 
_cell.length_b_esd                 ? 
_cell.length_c                     67.566 
_cell.length_c_esd                 ? 
_cell.volume                       ? 
_cell.volume_esd                   ? 
_cell.Z_PDB                        9 
_cell.reciprocal_angle_alpha       ? 
_cell.reciprocal_angle_beta        ? 
_cell.reciprocal_angle_gamma       ? 
_cell.reciprocal_angle_alpha_esd   ? 
_cell.reciprocal_angle_beta_esd    ? 
_cell.reciprocal_angle_gamma_esd   ? 
_cell.reciprocal_length_a          ? 
_cell.reciprocal_length_b          ? 
_cell.reciprocal_length_c          ? 
_cell.reciprocal_length_a_esd      ? 
_cell.reciprocal_length_b_esd      ? 
_cell.reciprocal_length_c_esd      ? 
_cell.pdbx_unique_axis             ? 
# 
_symmetry.entry_id                         6U7Z 
_symmetry.cell_setting                     ? 
_symmetry.Int_Tables_number                146 
_symmetry.space_group_name_Hall            ? 
_symmetry.space_group_name_H-M             'H 3' 
_symmetry.pdbx_full_space_group_name_H-M   ? 
# 
_exptl.absorpt_coefficient_mu     ? 
_exptl.absorpt_correction_T_max   ? 
_exptl.absorpt_correction_T_min   ? 
_exptl.absorpt_correction_type    ? 
_exptl.absorpt_process_details    ? 
_exptl.entry_id                   6U7Z 
_exptl.crystals_number            1 
_exptl.details                    ? 
_exptl.method                     'X-RAY DIFFRACTION' 
_exptl.method_details             ? 
# 
_exptl_crystal.colour                      ? 
_exptl_crystal.density_diffrn              ? 
_exptl_crystal.density_Matthews            3.01 
_exptl_crystal.density_method              ? 
_exptl_crystal.density_percent_sol         59.17 
_exptl_crystal.description                 ? 
_exptl_crystal.F_000                       ? 
_exptl_crystal.id                          1 
_exptl_crystal.preparation                 ? 
_exptl_crystal.size_max                    ? 
_exptl_crystal.size_mid                    ? 
_exptl_crystal.size_min                    ? 
_exptl_crystal.size_rad                    ? 
_exptl_crystal.colour_lustre               ? 
_exptl_crystal.colour_modifier             ? 
_exptl_crystal.colour_primary              ? 
_exptl_crystal.density_meas                ? 
_exptl_crystal.density_meas_esd            ? 
_exptl_crystal.density_meas_gt             ? 
_exptl_crystal.density_meas_lt             ? 
_exptl_crystal.density_meas_temp           ? 
_exptl_crystal.density_meas_temp_esd       ? 
_exptl_crystal.density_meas_temp_gt        ? 
_exptl_crystal.density_meas_temp_lt        ? 
_exptl_crystal.pdbx_crystal_image_url      ? 
_exptl_crystal.pdbx_crystal_image_format   ? 
_exptl_crystal.pdbx_mosaicity              ? 
_exptl_crystal.pdbx_mosaicity_esd          ? 
# 
_exptl_crystal_grow.apparatus       ? 
_exptl_crystal_grow.atmosphere      ? 
_exptl_crystal_grow.crystal_id      1 
_exptl_crystal_grow.details         ? 
_exptl_crystal_grow.method          'VAPOR DIFFUSION, SITTING DROP' 
_exptl_crystal_grow.method_ref      ? 
_exptl_crystal_grow.pH              7.0 
_exptl_crystal_grow.pressure        ? 
_exptl_crystal_grow.pressure_esd    ? 
_exptl_crystal_grow.seeding         ? 
_exptl_crystal_grow.seeding_ref     ? 
_exptl_crystal_grow.temp            291 
_exptl_crystal_grow.temp_details    ? 
_exptl_crystal_grow.temp_esd        ? 
_exptl_crystal_grow.time            ? 
_exptl_crystal_grow.pdbx_details    '3.5 M Sodium formate pH 7.0' 
_exptl_crystal_grow.pdbx_pH_range   ? 
# 
_diffrn.ambient_environment              ? 
_diffrn.ambient_temp                     99 
_diffrn.ambient_temp_details             ? 
_diffrn.ambient_temp_esd                 ? 
_diffrn.crystal_id                       1 
_diffrn.crystal_support                  ? 
_diffrn.crystal_treatment                ? 
_diffrn.details                          ? 
_diffrn.id                               1 
_diffrn.ambient_pressure                 ? 
_diffrn.ambient_pressure_esd             ? 
_diffrn.ambient_pressure_gt              ? 
_diffrn.ambient_pressure_lt              ? 
_diffrn.ambient_temp_gt                  ? 
_diffrn.ambient_temp_lt                  ? 
_diffrn.pdbx_serial_crystal_experiment   N 
# 
_diffrn_detector.details                      ? 
_diffrn_detector.detector                     CCD 
_diffrn_detector.diffrn_id                    1 
_diffrn_detector.type                         'MAR CCD 130 mm' 
_diffrn_detector.area_resol_mean              ? 
_diffrn_detector.dtime                        ? 
_diffrn_detector.pdbx_frames_total            ? 
_diffrn_detector.pdbx_collection_time_total   ? 
_diffrn_detector.pdbx_collection_date         2019-05-28 
_diffrn_detector.pdbx_frequency               ? 
# 
_diffrn_radiation.collimation                      ? 
_diffrn_radiation.diffrn_id                        1 
_diffrn_radiation.filter_edge                      ? 
_diffrn_radiation.inhomogeneity                    ? 
_diffrn_radiation.monochromator                    ? 
_diffrn_radiation.polarisn_norm                    ? 
_diffrn_radiation.polarisn_ratio                   ? 
_diffrn_radiation.probe                            ? 
_diffrn_radiation.type                             ? 
_diffrn_radiation.xray_symbol                      ? 
_diffrn_radiation.wavelength_id                    1 
_diffrn_radiation.pdbx_monochromatic_or_laue_m_l   M 
_diffrn_radiation.pdbx_wavelength_list             ? 
_diffrn_radiation.pdbx_wavelength                  ? 
_diffrn_radiation.pdbx_diffrn_protocol             'SINGLE WAVELENGTH' 
_diffrn_radiation.pdbx_analyzer                    ? 
_diffrn_radiation.pdbx_scattering_type             x-ray 
# 
_diffrn_radiation_wavelength.id           1 
_diffrn_radiation_wavelength.wavelength   1 
_diffrn_radiation_wavelength.wt           1.0 
# 
_diffrn_source.current                     ? 
_diffrn_source.details                     ? 
_diffrn_source.diffrn_id                   1 
_diffrn_source.power                       ? 
_diffrn_source.size                        ? 
_diffrn_source.source                      SYNCHROTRON 
_diffrn_source.target                      ? 
_diffrn_source.type                        'ALS BEAMLINE 8.2.2' 
_diffrn_source.voltage                     ? 
_diffrn_source.take-off_angle              ? 
_diffrn_source.pdbx_wavelength_list        1 
_diffrn_source.pdbx_wavelength             ? 
_diffrn_source.pdbx_synchrotron_beamline   8.2.2 
_diffrn_source.pdbx_synchrotron_site       ALS 
# 
_reflns.B_iso_Wilson_estimate            ? 
_reflns.entry_id                         6U7Z 
_reflns.data_reduction_details           ? 
_reflns.data_reduction_method            ? 
_reflns.d_resolution_high                2.7 
_reflns.d_resolution_low                 50 
_reflns.details                          ? 
_reflns.limit_h_max                      ? 
_reflns.limit_h_min                      ? 
_reflns.limit_k_max                      ? 
_reflns.limit_k_min                      ? 
_reflns.limit_l_max                      ? 
_reflns.limit_l_min                      ? 
_reflns.number_all                       ? 
_reflns.number_obs                       3369 
_reflns.observed_criterion               ? 
_reflns.observed_criterion_F_max         ? 
_reflns.observed_criterion_F_min         ? 
_reflns.observed_criterion_I_max         ? 
_reflns.observed_criterion_I_min         ? 
_reflns.observed_criterion_sigma_F       ? 
_reflns.observed_criterion_sigma_I       ? 
_reflns.percent_possible_obs             97.5 
_reflns.R_free_details                   ? 
_reflns.Rmerge_F_all                     ? 
_reflns.Rmerge_F_obs                     ? 
_reflns.Friedel_coverage                 ? 
_reflns.number_gt                        ? 
_reflns.threshold_expression             ? 
_reflns.pdbx_redundancy                  3.5 
_reflns.pdbx_Rmerge_I_obs                0.117 
_reflns.pdbx_Rmerge_I_all                ? 
_reflns.pdbx_Rsym_value                  ? 
_reflns.pdbx_netI_over_av_sigmaI         ? 
_reflns.pdbx_netI_over_sigmaI            9.48 
_reflns.pdbx_res_netI_over_av_sigmaI_2   ? 
_reflns.pdbx_res_netI_over_sigmaI_2      ? 
_reflns.pdbx_chi_squared                 1.18 
_reflns.pdbx_scaling_rejects             ? 
_reflns.pdbx_d_res_high_opt              ? 
_reflns.pdbx_d_res_low_opt               ? 
_reflns.pdbx_d_res_opt_method            ? 
_reflns.phase_calculation_details        ? 
_reflns.pdbx_Rrim_I_all                  0.137 
_reflns.pdbx_Rpim_I_all                  0.071 
_reflns.pdbx_d_opt                       ? 
_reflns.pdbx_number_measured_all         ? 
_reflns.pdbx_diffrn_id                   1 
_reflns.pdbx_ordinal                     1 
_reflns.pdbx_CC_half                     0.986 
_reflns.pdbx_R_split                     ? 
# 
_reflns_shell.d_res_high                  2.7 
_reflns_shell.d_res_low                   2.8 
_reflns_shell.meanI_over_sigI_all         ? 
_reflns_shell.meanI_over_sigI_obs         2.3 
_reflns_shell.number_measured_all         ? 
_reflns_shell.number_measured_obs         ? 
_reflns_shell.number_possible             ? 
_reflns_shell.number_unique_all           ? 
_reflns_shell.number_unique_obs           305 
_reflns_shell.percent_possible_all        89.4 
_reflns_shell.percent_possible_obs        ? 
_reflns_shell.Rmerge_F_all                ? 
_reflns_shell.Rmerge_F_obs                ? 
_reflns_shell.Rmerge_I_all                ? 
_reflns_shell.Rmerge_I_obs                0.415 
_reflns_shell.meanI_over_sigI_gt          ? 
_reflns_shell.meanI_over_uI_all           ? 
_reflns_shell.meanI_over_uI_gt            ? 
_reflns_shell.number_measured_gt          ? 
_reflns_shell.number_unique_gt            ? 
_reflns_shell.percent_possible_gt         ? 
_reflns_shell.Rmerge_F_gt                 ? 
_reflns_shell.Rmerge_I_gt                 ? 
_reflns_shell.pdbx_redundancy             2.8 
_reflns_shell.pdbx_Rsym_value             ? 
_reflns_shell.pdbx_chi_squared            0.857 
_reflns_shell.pdbx_netI_over_sigmaI_all   ? 
_reflns_shell.pdbx_netI_over_sigmaI_obs   ? 
_reflns_shell.pdbx_Rrim_I_all             0.5 
_reflns_shell.pdbx_Rpim_I_all             0.274 
_reflns_shell.pdbx_rejects                ? 
_reflns_shell.pdbx_ordinal                1 
_reflns_shell.pdbx_diffrn_id              1 
_reflns_shell.pdbx_CC_half                0.974 
_reflns_shell.pdbx_R_split                ? 
# 
_refine.aniso_B[1][1]                            0.1 
_refine.aniso_B[1][2]                            0.05 
_refine.aniso_B[1][3]                            0 
_refine.aniso_B[2][2]                            0.1 
_refine.aniso_B[2][3]                            0 
_refine.aniso_B[3][3]                            -0.33 
_refine.B_iso_max                                ? 
_refine.B_iso_mean                               87.6 
_refine.B_iso_min                                ? 
_refine.correlation_coeff_Fo_to_Fc               ? 
_refine.correlation_coeff_Fo_to_Fc_free          ? 
_refine.details                                  ? 
_refine.diff_density_max                         ? 
_refine.diff_density_max_esd                     ? 
_refine.diff_density_min                         ? 
_refine.diff_density_min_esd                     ? 
_refine.diff_density_rms                         ? 
_refine.diff_density_rms_esd                     ? 
_refine.entry_id                                 6U7Z 
_refine.pdbx_refine_id                           'X-RAY DIFFRACTION' 
_refine.ls_abs_structure_details                 ? 
_refine.ls_abs_structure_Flack                   ? 
_refine.ls_abs_structure_Flack_esd               ? 
_refine.ls_abs_structure_Rogers                  ? 
_refine.ls_abs_structure_Rogers_esd              ? 
_refine.ls_d_res_high                            2.71 
_refine.ls_d_res_low                             45.59 
_refine.ls_extinction_coef                       ? 
_refine.ls_extinction_coef_esd                   ? 
_refine.ls_extinction_expression                 ? 
_refine.ls_extinction_method                     ? 
_refine.ls_goodness_of_fit_all                   ? 
_refine.ls_goodness_of_fit_all_esd               ? 
_refine.ls_goodness_of_fit_obs                   ? 
_refine.ls_goodness_of_fit_obs_esd               ? 
_refine.ls_hydrogen_treatment                    ? 
_refine.ls_matrix_type                           ? 
_refine.ls_number_constraints                    ? 
_refine.ls_number_parameters                     ? 
_refine.ls_number_reflns_all                     ? 
_refine.ls_number_reflns_obs                     3207 
_refine.ls_number_reflns_R_free                  162 
_refine.ls_number_reflns_R_work                  ? 
_refine.ls_number_restraints                     ? 
_refine.ls_percent_reflns_obs                    96.2 
_refine.ls_percent_reflns_R_free                 4.8 
_refine.ls_R_factor_all                          ? 
_refine.ls_R_factor_obs                          0.173 
_refine.ls_R_factor_R_free                       0.23 
_refine.ls_R_factor_R_free_error                 ? 
_refine.ls_R_factor_R_free_error_details         ? 
_refine.ls_R_factor_R_work                       0.17 
_refine.ls_R_Fsqd_factor_obs                     ? 
_refine.ls_R_I_factor_obs                        ? 
_refine.ls_redundancy_reflns_all                 ? 
_refine.ls_redundancy_reflns_obs                 ? 
_refine.ls_restrained_S_all                      ? 
_refine.ls_restrained_S_obs                      ? 
_refine.ls_shift_over_esd_max                    ? 
_refine.ls_shift_over_esd_mean                   ? 
_refine.ls_structure_factor_coef                 ? 
_refine.ls_weighting_details                     ? 
_refine.ls_weighting_scheme                      ? 
_refine.ls_wR_factor_all                         ? 
_refine.ls_wR_factor_obs                         ? 
_refine.ls_wR_factor_R_free                      ? 
_refine.ls_wR_factor_R_work                      ? 
_refine.occupancy_max                            ? 
_refine.occupancy_min                            ? 
_refine.solvent_model_details                    ? 
_refine.solvent_model_param_bsol                 ? 
_refine.solvent_model_param_ksol                 ? 
_refine.ls_R_factor_gt                           ? 
_refine.ls_goodness_of_fit_gt                    ? 
_refine.ls_goodness_of_fit_ref                   ? 
_refine.ls_shift_over_su_max                     ? 
_refine.ls_shift_over_su_max_lt                  ? 
_refine.ls_shift_over_su_mean                    ? 
_refine.ls_shift_over_su_mean_lt                 ? 
_refine.pdbx_ls_sigma_I                          ? 
_refine.pdbx_ls_sigma_F                          ? 
_refine.pdbx_ls_sigma_Fsqd                       ? 
_refine.pdbx_data_cutoff_high_absF               ? 
_refine.pdbx_data_cutoff_high_rms_absF           ? 
_refine.pdbx_data_cutoff_low_absF                ? 
_refine.pdbx_isotropic_thermal_model             ? 
_refine.pdbx_ls_cross_valid_method               THROUGHOUT 
_refine.pdbx_method_to_determine_struct          'MOLECULAR REPLACEMENT' 
_refine.pdbx_starting_model                      5VCI 
_refine.pdbx_stereochemistry_target_values       ? 
_refine.pdbx_R_Free_selection_details            random 
_refine.pdbx_stereochem_target_val_spec_case     ? 
_refine.pdbx_overall_ESU_R                       0.839 
_refine.pdbx_overall_ESU_R_Free                  0.314 
_refine.pdbx_solvent_vdw_probe_radii             ? 
_refine.pdbx_solvent_ion_probe_radii             ? 
_refine.pdbx_solvent_shrinkage_radii             ? 
_refine.pdbx_real_space_R                        ? 
_refine.pdbx_density_correlation                 ? 
_refine.pdbx_pd_number_of_powder_patterns        ? 
_refine.pdbx_pd_number_of_points                 ? 
_refine.pdbx_pd_meas_number_of_points            ? 
_refine.pdbx_pd_proc_ls_prof_R_factor            ? 
_refine.pdbx_pd_proc_ls_prof_wR_factor           ? 
_refine.pdbx_pd_Marquardt_correlation_coeff      ? 
_refine.pdbx_pd_Fsqrd_R_factor                   ? 
_refine.pdbx_pd_ls_matrix_band_width             ? 
_refine.pdbx_overall_phase_error                 ? 
_refine.pdbx_overall_SU_R_free_Cruickshank_DPI   ? 
_refine.pdbx_overall_SU_R_free_Blow_DPI          ? 
_refine.pdbx_overall_SU_R_Blow_DPI               ? 
_refine.pdbx_TLS_residual_ADP_flag               ? 
_refine.pdbx_diffrn_id                           1 
_refine.overall_SU_B                             ? 
_refine.overall_SU_ML                            0.266 
_refine.overall_SU_R_Cruickshank_DPI             ? 
_refine.overall_SU_R_free                        ? 
_refine.overall_FOM_free_R_set                   ? 
_refine.overall_FOM_work_R_set                   ? 
_refine.pdbx_average_fsc_overall                 ? 
_refine.pdbx_average_fsc_work                    ? 
_refine.pdbx_average_fsc_free                    ? 
# 
_refine_hist.pdbx_refine_id                   'X-RAY DIFFRACTION' 
_refine_hist.cycle_id                         LAST 
_refine_hist.pdbx_number_atoms_protein        0 
_refine_hist.pdbx_number_atoms_nucleic_acid   720 
_refine_hist.pdbx_number_atoms_ligand         21 
_refine_hist.number_atoms_solvent             1 
_refine_hist.number_atoms_total               742 
_refine_hist.d_res_high                       2.71 
_refine_hist.d_res_low                        45.59 
# 
_refine_ls_shell.pdbx_refine_id                   'X-RAY DIFFRACTION' 
_refine_ls_shell.d_res_high                       2.71 
_refine_ls_shell.d_res_low                        2.78 
_refine_ls_shell.number_reflns_all                ? 
_refine_ls_shell.number_reflns_obs                ? 
_refine_ls_shell.number_reflns_R_free             16 
_refine_ls_shell.number_reflns_R_work             183 
_refine_ls_shell.percent_reflns_obs               72.36 
_refine_ls_shell.percent_reflns_R_free            ? 
_refine_ls_shell.R_factor_all                     ? 
_refine_ls_shell.R_factor_obs                     ? 
_refine_ls_shell.R_factor_R_free                  0.39 
_refine_ls_shell.R_factor_R_free_error            ? 
_refine_ls_shell.R_factor_R_work                  0.458 
_refine_ls_shell.redundancy_reflns_all            ? 
_refine_ls_shell.redundancy_reflns_obs            ? 
_refine_ls_shell.wR_factor_all                    ? 
_refine_ls_shell.wR_factor_obs                    ? 
_refine_ls_shell.wR_factor_R_free                 ? 
_refine_ls_shell.wR_factor_R_work                 ? 
_refine_ls_shell.pdbx_total_number_of_bins_used   ? 
_refine_ls_shell.pdbx_phase_error                 ? 
_refine_ls_shell.pdbx_fsc_work                    ? 
_refine_ls_shell.pdbx_fsc_free                    ? 
# 
_struct.entry_id                     6U7Z 
_struct.title                        'RNA hairpin structure containing one TNA nucleotide as primer' 
_struct.pdbx_model_details           ? 
_struct.pdbx_formula_weight          ? 
_struct.pdbx_formula_weight_method   ? 
_struct.pdbx_model_type_details      ? 
_struct.pdbx_CASP_flag               N 
# 
_struct_keywords.entry_id        6U7Z 
_struct_keywords.text            RNA 
_struct_keywords.pdbx_keywords   RNA 
# 
loop_
_struct_asym.id 
_struct_asym.pdbx_blank_PDB_chainid_flag 
_struct_asym.pdbx_modified 
_struct_asym.entity_id 
_struct_asym.details 
A N N 1 ? 
B N N 2 ? 
C N N 3 ? 
D N N 4 ? 
# 
loop_
_struct_ref.id 
_struct_ref.db_name 
_struct_ref.db_code 
_struct_ref.pdbx_db_accession 
_struct_ref.pdbx_db_isoform 
_struct_ref.entity_id 
_struct_ref.pdbx_seq_one_letter_code 
_struct_ref.pdbx_align_begin 
1 PDB 6U7Z 6U7Z ? 1 ? 1 
2 PDB 6U7Z 6U7Z ? 2 ? 1 
# 
loop_
_struct_ref_seq.align_id 
_struct_ref_seq.ref_id 
_struct_ref_seq.pdbx_PDB_id_code 
_struct_ref_seq.pdbx_strand_id 
_struct_ref_seq.seq_align_beg 
_struct_ref_seq.pdbx_seq_align_beg_ins_code 
_struct_ref_seq.seq_align_end 
_struct_ref_seq.pdbx_seq_align_end_ins_code 
_struct_ref_seq.pdbx_db_accession 
_struct_ref_seq.db_align_beg 
_struct_ref_seq.pdbx_db_align_beg_ins_code 
_struct_ref_seq.db_align_end 
_struct_ref_seq.pdbx_db_align_end_ins_code 
_struct_ref_seq.pdbx_auth_seq_align_beg 
_struct_ref_seq.pdbx_auth_seq_align_end 
1 1 6U7Z A 1 ? 22 ? 6U7Z 1 ? 22 ? 1 22 
2 2 6U7Z B 1 ? 12 ? 6U7Z 1 ? 12 ? 1 12 
# 
_pdbx_struct_assembly.id                   1 
_pdbx_struct_assembly.details              author_and_software_defined_assembly 
_pdbx_struct_assembly.method_details       PISA 
_pdbx_struct_assembly.oligomeric_details   dimeric 
_pdbx_struct_assembly.oligomeric_count     2 
# 
loop_
_pdbx_struct_assembly_prop.biol_id 
_pdbx_struct_assembly_prop.type 
_pdbx_struct_assembly_prop.value 
_pdbx_struct_assembly_prop.details 
1 'ABSA (A^2)' 1530 ? 
1 MORE         -5   ? 
1 'SSA (A^2)'  6270 ? 
# 
_pdbx_struct_assembly_gen.assembly_id       1 
_pdbx_struct_assembly_gen.oper_expression   1 
_pdbx_struct_assembly_gen.asym_id_list      A,B,C,D 
# 
_pdbx_struct_assembly_auth_evidence.id                     1 
_pdbx_struct_assembly_auth_evidence.assembly_id            1 
_pdbx_struct_assembly_auth_evidence.experimental_support   none 
_pdbx_struct_assembly_auth_evidence.details                ? 
# 
_pdbx_struct_oper_list.id                   1 
_pdbx_struct_oper_list.type                 'identity operation' 
_pdbx_struct_oper_list.name                 1_555 
_pdbx_struct_oper_list.symmetry_operation   x,y,z 
_pdbx_struct_oper_list.matrix[1][1]         1.0000000000 
_pdbx_struct_oper_list.matrix[1][2]         0.0000000000 
_pdbx_struct_oper_list.matrix[1][3]         0.0000000000 
_pdbx_struct_oper_list.vector[1]            0.0000000000 
_pdbx_struct_oper_list.matrix[2][1]         0.0000000000 
_pdbx_struct_oper_list.matrix[2][2]         1.0000000000 
_pdbx_struct_oper_list.matrix[2][3]         0.0000000000 
_pdbx_struct_oper_list.vector[2]            0.0000000000 
_pdbx_struct_oper_list.matrix[3][1]         0.0000000000 
_pdbx_struct_oper_list.matrix[3][2]         0.0000000000 
_pdbx_struct_oper_list.matrix[3][3]         1.0000000000 
_pdbx_struct_oper_list.vector[3]            0.0000000000 
# 
loop_
_struct_conn.id 
_struct_conn.conn_type_id 
_struct_conn.pdbx_leaving_atom_flag 
_struct_conn.pdbx_PDB_id 
_struct_conn.ptnr1_label_asym_id 
_struct_conn.ptnr1_label_comp_id 
_struct_conn.ptnr1_label_seq_id 
_struct_conn.ptnr1_label_atom_id 
_struct_conn.pdbx_ptnr1_label_alt_id 
_struct_conn.pdbx_ptnr1_PDB_ins_code 
_struct_conn.pdbx_ptnr1_standard_comp_id 
_struct_conn.ptnr1_symmetry 
_struct_conn.ptnr2_label_asym_id 
_struct_conn.ptnr2_label_comp_id 
_struct_conn.ptnr2_label_seq_id 
_struct_conn.ptnr2_label_atom_id 
_struct_conn.pdbx_ptnr2_label_alt_id 
_struct_conn.pdbx_ptnr2_PDB_ins_code 
_struct_conn.ptnr1_auth_asym_id 
_struct_conn.ptnr1_auth_comp_id 
_struct_conn.ptnr1_auth_seq_id 
_struct_conn.ptnr2_auth_asym_id 
_struct_conn.ptnr2_auth_comp_id 
_struct_conn.ptnr2_auth_seq_id 
_struct_conn.ptnr2_symmetry 
_struct_conn.pdbx_ptnr3_label_atom_id 
_struct_conn.pdbx_ptnr3_label_seq_id 
_struct_conn.pdbx_ptnr3_label_comp_id 
_struct_conn.pdbx_ptnr3_label_asym_id 
_struct_conn.pdbx_ptnr3_label_alt_id 
_struct_conn.pdbx_ptnr3_PDB_ins_code 
_struct_conn.details 
_struct_conn.pdbx_dist_value 
_struct_conn.pdbx_value_order 
_struct_conn.pdbx_role 
covale1  covale one  ? A C5P 1  "O3'" ? ? ? 1_555 A U  2  P  ? ? A C5P 1  A U  2  1_555 ? ? ? ? ? ? ?                    1.578 ? ? 
covale2  covale both ? A G   21 "O3'" ? ? ? 1_555 A TG 22 P  ? ? A G   21 A TG 22 1_555 ? ? ? ? ? ? ?                    1.626 ? ? 
hydrog1  hydrog ?    ? A U   2  N3    ? ? ? 1_555 B U  11 O2 ? ? A U   2  B U  11 1_555 ? ? ? ? ? ? TYPE_16_PAIR         ?     ? ? 
hydrog2  hydrog ?    ? A U   2  O4    ? ? ? 1_555 B U  11 N3 ? ? A U   2  B U  11 1_555 ? ? ? ? ? ? TYPE_16_PAIR         ?     ? ? 
hydrog3  hydrog ?    ? A G   3  N1    ? ? ? 1_555 B C  10 N3 ? ? A G   3  B C  10 1_555 ? ? ? ? ? ? WATSON-CRICK         ?     ? ? 
hydrog4  hydrog ?    ? A G   3  N2    ? ? ? 1_555 B C  10 O2 ? ? A G   3  B C  10 1_555 ? ? ? ? ? ? WATSON-CRICK         ?     ? ? 
hydrog5  hydrog ?    ? A G   3  O6    ? ? ? 1_555 B C  10 N4 ? ? A G   3  B C  10 1_555 ? ? ? ? ? ? WATSON-CRICK         ?     ? ? 
hydrog6  hydrog ?    ? A C   4  N3    ? ? ? 1_555 B G  9  N1 ? ? A C   4  B G  9  1_555 ? ? ? ? ? ? WATSON-CRICK         ?     ? ? 
hydrog7  hydrog ?    ? A C   4  N4    ? ? ? 1_555 B G  9  O6 ? ? A C   4  B G  9  1_555 ? ? ? ? ? ? WATSON-CRICK         ?     ? ? 
hydrog8  hydrog ?    ? A C   4  O2    ? ? ? 1_555 B G  9  N2 ? ? A C   4  B G  9  1_555 ? ? ? ? ? ? WATSON-CRICK         ?     ? ? 
hydrog9  hydrog ?    ? A U   5  O4    ? ? ? 1_555 B U  8  N3 ? ? A U   5  B U  8  1_555 ? ? ? ? ? ? 'U-U MISPAIR'        ?     ? ? 
hydrog10 hydrog ?    ? A G   6  N1    ? ? ? 1_555 B C  7  N3 ? ? A G   6  B C  7  1_555 ? ? ? ? ? ? WATSON-CRICK         ?     ? ? 
hydrog11 hydrog ?    ? A G   6  N2    ? ? ? 1_555 B C  7  O2 ? ? A G   6  B C  7  1_555 ? ? ? ? ? ? WATSON-CRICK         ?     ? ? 
hydrog12 hydrog ?    ? A G   6  O6    ? ? ? 1_555 B C  7  N4 ? ? A G   6  B C  7  1_555 ? ? ? ? ? ? WATSON-CRICK         ?     ? ? 
hydrog13 hydrog ?    ? A G   7  N1    ? ? ? 1_555 B C  6  N3 ? ? A G   7  B C  6  1_555 ? ? ? ? ? ? WATSON-CRICK         ?     ? ? 
hydrog14 hydrog ?    ? A G   7  N2    ? ? ? 1_555 B C  6  O2 ? ? A G   7  B C  6  1_555 ? ? ? ? ? ? WATSON-CRICK         ?     ? ? 
hydrog15 hydrog ?    ? A G   7  O6    ? ? ? 1_555 B C  6  N4 ? ? A G   7  B C  6  1_555 ? ? ? ? ? ? WATSON-CRICK         ?     ? ? 
hydrog16 hydrog ?    ? A C   8  N3    ? ? ? 1_555 B G  5  N1 ? ? A C   8  B G  5  1_555 ? ? ? ? ? ? WATSON-CRICK         ?     ? ? 
hydrog17 hydrog ?    ? A C   8  N4    ? ? ? 1_555 B G  5  O6 ? ? A C   8  B G  5  1_555 ? ? ? ? ? ? WATSON-CRICK         ?     ? ? 
hydrog18 hydrog ?    ? A C   8  O2    ? ? ? 1_555 B G  5  N2 ? ? A C   8  B G  5  1_555 ? ? ? ? ? ? WATSON-CRICK         ?     ? ? 
hydrog19 hydrog ?    ? A U   9  N3    ? ? ? 1_555 B A  3  N7 ? ? A U   9  B A  3  1_555 ? ? ? ? ? ? 'REVERSED HOOGSTEEN' ?     ? ? 
hydrog20 hydrog ?    ? A U   9  O2    ? ? ? 1_555 B A  3  N6 ? ? A U   9  B A  3  1_555 ? ? ? ? ? ? 'REVERSED HOOGSTEEN' ?     ? ? 
hydrog21 hydrog ?    ? A A   11 N1    ? ? ? 1_555 B U  4  N3 ? ? A A   11 B U  4  1_555 ? ? ? ? ? ? WATSON-CRICK         ?     ? ? 
hydrog22 hydrog ?    ? A A   11 N6    ? ? ? 1_555 B U  4  O4 ? ? A A   11 B U  4  1_555 ? ? ? ? ? ? WATSON-CRICK         ?     ? ? 
hydrog23 hydrog ?    ? A G   12 N1    ? ? ? 1_555 B U  2  O2 ? ? A G   12 B U  2  1_555 ? ? ? ? ? ? TYPE_28_PAIR         ?     ? ? 
hydrog24 hydrog ?    ? A G   12 O6    ? ? ? 1_555 B U  2  N3 ? ? A G   12 B U  2  1_555 ? ? ? ? ? ? TYPE_28_PAIR         ?     ? ? 
hydrog25 hydrog ?    ? A G   12 N2    ? ? ? 1_555 B U  4  O4 ? ? A G   12 B U  4  1_555 ? ? ? ? ? ? 'G-U MISPAIR'        ?     ? ? 
hydrog26 hydrog ?    ? A G   13 N1    ? ? ? 1_555 B C  1  N3 ? ? A G   13 B C  1  1_555 ? ? ? ? ? ? WATSON-CRICK         ?     ? ? 
hydrog27 hydrog ?    ? A G   13 N2    ? ? ? 1_555 B C  1  O2 ? ? A G   13 B C  1  1_555 ? ? ? ? ? ? WATSON-CRICK         ?     ? ? 
hydrog28 hydrog ?    ? A G   13 O6    ? ? ? 1_555 B C  1  N4 ? ? A G   13 B C  1  1_555 ? ? ? ? ? ? WATSON-CRICK         ?     ? ? 
hydrog29 hydrog ?    ? A C   15 N3    ? ? ? 1_555 A TG 22 N1 ? ? A C   15 A TG 22 1_555 ? ? ? ? ? ? WATSON-CRICK         ?     ? ? 
hydrog30 hydrog ?    ? A C   15 N4    ? ? ? 1_555 A TG 22 O6 ? ? A C   15 A TG 22 1_555 ? ? ? ? ? ? WATSON-CRICK         ?     ? ? 
hydrog31 hydrog ?    ? A C   15 O2    ? ? ? 1_555 A TG 22 N2 ? ? A C   15 A TG 22 1_555 ? ? ? ? ? ? WATSON-CRICK         ?     ? ? 
hydrog32 hydrog ?    ? A C   16 N3    ? ? ? 1_555 A G  21 N1 ? ? A C   16 A G  21 1_555 ? ? ? ? ? ? WATSON-CRICK         ?     ? ? 
hydrog33 hydrog ?    ? A C   16 N4    ? ? ? 1_555 A G  21 O6 ? ? A C   16 A G  21 1_555 ? ? ? ? ? ? WATSON-CRICK         ?     ? ? 
hydrog34 hydrog ?    ? A C   16 O2    ? ? ? 1_555 A G  21 N2 ? ? A C   16 A G  21 1_555 ? ? ? ? ? ? WATSON-CRICK         ?     ? ? 
hydrog35 hydrog ?    ? A G   17 N2    ? ? ? 1_555 A A  20 N7 ? ? A G   17 A A  20 1_555 ? ? ? ? ? ? 'G-A MISPAIR'        ?     ? ? 
# 
loop_
_struct_conn_type.id 
_struct_conn_type.criteria 
_struct_conn_type.reference 
covale ? ? 
hydrog ? ? 
# 
_struct_site.id                   AC1 
_struct_site.pdbx_evidence_code   Software 
_struct_site.pdbx_auth_asym_id    A 
_struct_site.pdbx_auth_comp_id    C5P 
_struct_site.pdbx_auth_seq_id     101 
_struct_site.pdbx_auth_ins_code   ? 
_struct_site.pdbx_num_residues    3 
_struct_site.details              'binding site for residue C5P A 101' 
# 
loop_
_struct_site_gen.id 
_struct_site_gen.site_id 
_struct_site_gen.pdbx_num_res 
_struct_site_gen.label_comp_id 
_struct_site_gen.label_asym_id 
_struct_site_gen.label_seq_id 
_struct_site_gen.pdbx_auth_ins_code 
_struct_site_gen.auth_comp_id 
_struct_site_gen.auth_asym_id 
_struct_site_gen.auth_seq_id 
_struct_site_gen.label_atom_id 
_struct_site_gen.label_alt_id 
_struct_site_gen.symmetry 
_struct_site_gen.details 
1 AC1 3 G  A 14 ? G  A 14 . ? 1_555 ? 
2 AC1 3 TG A 22 ? TG A 22 . ? 1_555 ? 
3 AC1 3 C  B 1  ? C  B 1  . ? 1_555 ? 
# 
_pdbx_entry_details.entry_id                 6U7Z 
_pdbx_entry_details.has_ligand_of_interest   Y 
_pdbx_entry_details.compound_details         ? 
_pdbx_entry_details.source_details           ? 
_pdbx_entry_details.nonpolymer_details       ? 
_pdbx_entry_details.sequence_details         ? 
# 
loop_
_chem_comp_atom.comp_id 
_chem_comp_atom.atom_id 
_chem_comp_atom.type_symbol 
_chem_comp_atom.pdbx_aromatic_flag 
_chem_comp_atom.pdbx_stereo_config 
_chem_comp_atom.pdbx_ordinal 
A   OP3    O N N 1   
A   P      P N N 2   
A   OP1    O N N 3   
A   OP2    O N N 4   
A   "O5'"  O N N 5   
A   "C5'"  C N N 6   
A   "C4'"  C N R 7   
A   "O4'"  O N N 8   
A   "C3'"  C N S 9   
A   "O3'"  O N N 10  
A   "C2'"  C N R 11  
A   "O2'"  O N N 12  
A   "C1'"  C N R 13  
A   N9     N Y N 14  
A   C8     C Y N 15  
A   N7     N Y N 16  
A   C5     C Y N 17  
A   C6     C Y N 18  
A   N6     N N N 19  
A   N1     N Y N 20  
A   C2     C Y N 21  
A   N3     N Y N 22  
A   C4     C Y N 23  
A   HOP3   H N N 24  
A   HOP2   H N N 25  
A   "H5'"  H N N 26  
A   "H5''" H N N 27  
A   "H4'"  H N N 28  
A   "H3'"  H N N 29  
A   "HO3'" H N N 30  
A   "H2'"  H N N 31  
A   "HO2'" H N N 32  
A   "H1'"  H N N 33  
A   H8     H N N 34  
A   H61    H N N 35  
A   H62    H N N 36  
A   H2     H N N 37  
C   OP3    O N N 38  
C   P      P N N 39  
C   OP1    O N N 40  
C   OP2    O N N 41  
C   "O5'"  O N N 42  
C   "C5'"  C N N 43  
C   "C4'"  C N R 44  
C   "O4'"  O N N 45  
C   "C3'"  C N S 46  
C   "O3'"  O N N 47  
C   "C2'"  C N R 48  
C   "O2'"  O N N 49  
C   "C1'"  C N R 50  
C   N1     N N N 51  
C   C2     C N N 52  
C   O2     O N N 53  
C   N3     N N N 54  
C   C4     C N N 55  
C   N4     N N N 56  
C   C5     C N N 57  
C   C6     C N N 58  
C   HOP3   H N N 59  
C   HOP2   H N N 60  
C   "H5'"  H N N 61  
C   "H5''" H N N 62  
C   "H4'"  H N N 63  
C   "H3'"  H N N 64  
C   "HO3'" H N N 65  
C   "H2'"  H N N 66  
C   "HO2'" H N N 67  
C   "H1'"  H N N 68  
C   H41    H N N 69  
C   H42    H N N 70  
C   H5     H N N 71  
C   H6     H N N 72  
C5P O3P    O N N 73  
C5P P      P N N 74  
C5P O1P    O N N 75  
C5P O2P    O N N 76  
C5P "O5'"  O N N 77  
C5P "C5'"  C N N 78  
C5P "C4'"  C N R 79  
C5P "O4'"  O N N 80  
C5P "C3'"  C N S 81  
C5P "O3'"  O N N 82  
C5P "C2'"  C N R 83  
C5P "O2'"  O N N 84  
C5P "C1'"  C N R 85  
C5P N1     N N N 86  
C5P C2     C N N 87  
C5P N3     N N N 88  
C5P C4     C N N 89  
C5P C5     C N N 90  
C5P C6     C N N 91  
C5P O2     O N N 92  
C5P N4     N N N 93  
C5P HOP3   H N N 94  
C5P HOP2   H N N 95  
C5P "H5'1" H N N 96  
C5P "H5'2" H N N 97  
C5P "H4'"  H N N 98  
C5P "H3'"  H N N 99  
C5P "HO3'" H N N 100 
C5P "H2'1" H N N 101 
C5P "HO2'" H N N 102 
C5P "H1'"  H N N 103 
C5P H5     H N N 104 
C5P H6     H N N 105 
C5P HN41   H N N 106 
C5P HN42   H N N 107 
G   OP3    O N N 108 
G   P      P N N 109 
G   OP1    O N N 110 
G   OP2    O N N 111 
G   "O5'"  O N N 112 
G   "C5'"  C N N 113 
G   "C4'"  C N R 114 
G   "O4'"  O N N 115 
G   "C3'"  C N S 116 
G   "O3'"  O N N 117 
G   "C2'"  C N R 118 
G   "O2'"  O N N 119 
G   "C1'"  C N R 120 
G   N9     N Y N 121 
G   C8     C Y N 122 
G   N7     N Y N 123 
G   C5     C Y N 124 
G   C6     C N N 125 
G   O6     O N N 126 
G   N1     N N N 127 
G   C2     C N N 128 
G   N2     N N N 129 
G   N3     N N N 130 
G   C4     C Y N 131 
G   HOP3   H N N 132 
G   HOP2   H N N 133 
G   "H5'"  H N N 134 
G   "H5''" H N N 135 
G   "H4'"  H N N 136 
G   "H3'"  H N N 137 
G   "HO3'" H N N 138 
G   "H2'"  H N N 139 
G   "HO2'" H N N 140 
G   "H1'"  H N N 141 
G   H8     H N N 142 
G   H1     H N N 143 
G   H21    H N N 144 
G   H22    H N N 145 
HOH O      O N N 146 
HOH H1     H N N 147 
HOH H2     H N N 148 
TG  "C1'"  C N R 149 
TG  C2     C N N 150 
TG  "C2'"  C N R 151 
TG  "C3'"  C N S 152 
TG  C4     C Y N 153 
TG  "C4'"  C N N 154 
TG  C5     C Y N 155 
TG  C6     C N N 156 
TG  C8     C Y N 157 
TG  N1     N N N 158 
TG  N2     N N N 159 
TG  N3     N N N 160 
TG  N7     N Y N 161 
TG  N9     N Y N 162 
TG  O1P    O N N 163 
TG  "O2'"  O N N 164 
TG  O2P    O N N 165 
TG  "O3'"  O N N 166 
TG  "O4'"  O N N 167 
TG  O6     O N N 168 
TG  P      P N N 169 
TG  H1     H N N 170 
TG  H2     H N N 171 
TG  H3     H N N 172 
TG  H4     H N N 173 
TG  H5     H N N 174 
TG  H6     H N N 175 
TG  H7     H N N 176 
TG  H8     H N N 177 
TG  H9     H N N 178 
TG  H11    H N N 179 
TG  O3P    O N N 180 
TG  H10    H N N 181 
U   OP3    O N N 182 
U   P      P N N 183 
U   OP1    O N N 184 
U   OP2    O N N 185 
U   "O5'"  O N N 186 
U   "C5'"  C N N 187 
U   "C4'"  C N R 188 
U   "O4'"  O N N 189 
U   "C3'"  C N S 190 
U   "O3'"  O N N 191 
U   "C2'"  C N R 192 
U   "O2'"  O N N 193 
U   "C1'"  C N R 194 
U   N1     N N N 195 
U   C2     C N N 196 
U   O2     O N N 197 
U   N3     N N N 198 
U   C4     C N N 199 
U   O4     O N N 200 
U   C5     C N N 201 
U   C6     C N N 202 
U   HOP3   H N N 203 
U   HOP2   H N N 204 
U   "H5'"  H N N 205 
U   "H5''" H N N 206 
U   "H4'"  H N N 207 
U   "H3'"  H N N 208 
U   "HO3'" H N N 209 
U   "H2'"  H N N 210 
U   "HO2'" H N N 211 
U   "H1'"  H N N 212 
U   H3     H N N 213 
U   H5     H N N 214 
U   H6     H N N 215 
# 
loop_
_chem_comp_bond.comp_id 
_chem_comp_bond.atom_id_1 
_chem_comp_bond.atom_id_2 
_chem_comp_bond.value_order 
_chem_comp_bond.pdbx_aromatic_flag 
_chem_comp_bond.pdbx_stereo_config 
_chem_comp_bond.pdbx_ordinal 
A   OP3   P      sing N N 1   
A   OP3   HOP3   sing N N 2   
A   P     OP1    doub N N 3   
A   P     OP2    sing N N 4   
A   P     "O5'"  sing N N 5   
A   OP2   HOP2   sing N N 6   
A   "O5'" "C5'"  sing N N 7   
A   "C5'" "C4'"  sing N N 8   
A   "C5'" "H5'"  sing N N 9   
A   "C5'" "H5''" sing N N 10  
A   "C4'" "O4'"  sing N N 11  
A   "C4'" "C3'"  sing N N 12  
A   "C4'" "H4'"  sing N N 13  
A   "O4'" "C1'"  sing N N 14  
A   "C3'" "O3'"  sing N N 15  
A   "C3'" "C2'"  sing N N 16  
A   "C3'" "H3'"  sing N N 17  
A   "O3'" "HO3'" sing N N 18  
A   "C2'" "O2'"  sing N N 19  
A   "C2'" "C1'"  sing N N 20  
A   "C2'" "H2'"  sing N N 21  
A   "O2'" "HO2'" sing N N 22  
A   "C1'" N9     sing N N 23  
A   "C1'" "H1'"  sing N N 24  
A   N9    C8     sing Y N 25  
A   N9    C4     sing Y N 26  
A   C8    N7     doub Y N 27  
A   C8    H8     sing N N 28  
A   N7    C5     sing Y N 29  
A   C5    C6     sing Y N 30  
A   C5    C4     doub Y N 31  
A   C6    N6     sing N N 32  
A   C6    N1     doub Y N 33  
A   N6    H61    sing N N 34  
A   N6    H62    sing N N 35  
A   N1    C2     sing Y N 36  
A   C2    N3     doub Y N 37  
A   C2    H2     sing N N 38  
A   N3    C4     sing Y N 39  
C   OP3   P      sing N N 40  
C   OP3   HOP3   sing N N 41  
C   P     OP1    doub N N 42  
C   P     OP2    sing N N 43  
C   P     "O5'"  sing N N 44  
C   OP2   HOP2   sing N N 45  
C   "O5'" "C5'"  sing N N 46  
C   "C5'" "C4'"  sing N N 47  
C   "C5'" "H5'"  sing N N 48  
C   "C5'" "H5''" sing N N 49  
C   "C4'" "O4'"  sing N N 50  
C   "C4'" "C3'"  sing N N 51  
C   "C4'" "H4'"  sing N N 52  
C   "O4'" "C1'"  sing N N 53  
C   "C3'" "O3'"  sing N N 54  
C   "C3'" "C2'"  sing N N 55  
C   "C3'" "H3'"  sing N N 56  
C   "O3'" "HO3'" sing N N 57  
C   "C2'" "O2'"  sing N N 58  
C   "C2'" "C1'"  sing N N 59  
C   "C2'" "H2'"  sing N N 60  
C   "O2'" "HO2'" sing N N 61  
C   "C1'" N1     sing N N 62  
C   "C1'" "H1'"  sing N N 63  
C   N1    C2     sing N N 64  
C   N1    C6     sing N N 65  
C   C2    O2     doub N N 66  
C   C2    N3     sing N N 67  
C   N3    C4     doub N N 68  
C   C4    N4     sing N N 69  
C   C4    C5     sing N N 70  
C   N4    H41    sing N N 71  
C   N4    H42    sing N N 72  
C   C5    C6     doub N N 73  
C   C5    H5     sing N N 74  
C   C6    H6     sing N N 75  
C5P O3P   P      sing N N 76  
C5P O3P   HOP3   sing N N 77  
C5P P     O1P    doub N N 78  
C5P P     O2P    sing N N 79  
C5P P     "O5'"  sing N N 80  
C5P O2P   HOP2   sing N N 81  
C5P "O5'" "C5'"  sing N N 82  
C5P "C5'" "C4'"  sing N N 83  
C5P "C5'" "H5'1" sing N N 84  
C5P "C5'" "H5'2" sing N N 85  
C5P "C4'" "O4'"  sing N N 86  
C5P "C4'" "C3'"  sing N N 87  
C5P "C4'" "H4'"  sing N N 88  
C5P "O4'" "C1'"  sing N N 89  
C5P "C3'" "O3'"  sing N N 90  
C5P "C3'" "C2'"  sing N N 91  
C5P "C3'" "H3'"  sing N N 92  
C5P "O3'" "HO3'" sing N N 93  
C5P "C2'" "O2'"  sing N N 94  
C5P "C2'" "C1'"  sing N N 95  
C5P "C2'" "H2'1" sing N N 96  
C5P "O2'" "HO2'" sing N N 97  
C5P "C1'" N1     sing N N 98  
C5P "C1'" "H1'"  sing N N 99  
C5P N1    C2     sing N N 100 
C5P N1    C6     sing N N 101 
C5P C2    N3     sing N N 102 
C5P C2    O2     doub N N 103 
C5P N3    C4     doub N N 104 
C5P C4    C5     sing N N 105 
C5P C4    N4     sing N N 106 
C5P C5    C6     doub N N 107 
C5P C5    H5     sing N N 108 
C5P C6    H6     sing N N 109 
C5P N4    HN41   sing N N 110 
C5P N4    HN42   sing N N 111 
G   OP3   P      sing N N 112 
G   OP3   HOP3   sing N N 113 
G   P     OP1    doub N N 114 
G   P     OP2    sing N N 115 
G   P     "O5'"  sing N N 116 
G   OP2   HOP2   sing N N 117 
G   "O5'" "C5'"  sing N N 118 
G   "C5'" "C4'"  sing N N 119 
G   "C5'" "H5'"  sing N N 120 
G   "C5'" "H5''" sing N N 121 
G   "C4'" "O4'"  sing N N 122 
G   "C4'" "C3'"  sing N N 123 
G   "C4'" "H4'"  sing N N 124 
G   "O4'" "C1'"  sing N N 125 
G   "C3'" "O3'"  sing N N 126 
G   "C3'" "C2'"  sing N N 127 
G   "C3'" "H3'"  sing N N 128 
G   "O3'" "HO3'" sing N N 129 
G   "C2'" "O2'"  sing N N 130 
G   "C2'" "C1'"  sing N N 131 
G   "C2'" "H2'"  sing N N 132 
G   "O2'" "HO2'" sing N N 133 
G   "C1'" N9     sing N N 134 
G   "C1'" "H1'"  sing N N 135 
G   N9    C8     sing Y N 136 
G   N9    C4     sing Y N 137 
G   C8    N7     doub Y N 138 
G   C8    H8     sing N N 139 
G   N7    C5     sing Y N 140 
G   C5    C6     sing N N 141 
G   C5    C4     doub Y N 142 
G   C6    O6     doub N N 143 
G   C6    N1     sing N N 144 
G   N1    C2     sing N N 145 
G   N1    H1     sing N N 146 
G   C2    N2     sing N N 147 
G   C2    N3     doub N N 148 
G   N2    H21    sing N N 149 
G   N2    H22    sing N N 150 
G   N3    C4     sing N N 151 
HOH O     H1     sing N N 152 
HOH O     H2     sing N N 153 
TG  N2    C2     sing N N 154 
TG  N1    C2     sing N N 155 
TG  N1    C6     sing N N 156 
TG  O6    C6     doub N N 157 
TG  C2    N3     doub N N 158 
TG  C6    C5     sing N N 159 
TG  N3    C4     sing N N 160 
TG  C5    C4     doub Y N 161 
TG  C5    N7     sing Y N 162 
TG  C4    N9     sing Y N 163 
TG  N7    C8     doub Y N 164 
TG  N9    C8     sing Y N 165 
TG  N9    "C1'"  sing N N 166 
TG  "C1'" "O4'"  sing N N 167 
TG  "C1'" "C2'"  sing N N 168 
TG  "O4'" "C4'"  sing N N 169 
TG  "C2'" "O2'"  sing N N 170 
TG  "C2'" "C3'"  sing N N 171 
TG  "C4'" "C3'"  sing N N 172 
TG  "C3'" "O3'"  sing N N 173 
TG  "O3'" P      sing N N 174 
TG  P     O1P    doub N N 175 
TG  P     O2P    doub N N 176 
TG  "C1'" H1     sing N N 177 
TG  "C2'" H2     sing N N 178 
TG  "C3'" H3     sing N N 179 
TG  "C4'" H4     sing N N 180 
TG  "C4'" H5     sing N N 181 
TG  C8    H6     sing N N 182 
TG  N1    H7     sing N N 183 
TG  N2    H8     sing N N 184 
TG  N2    H9     sing N N 185 
TG  "O2'" H11    sing N N 186 
TG  P     O3P    sing N N 187 
TG  O3P   H10    sing N N 188 
U   OP3   P      sing N N 189 
U   OP3   HOP3   sing N N 190 
U   P     OP1    doub N N 191 
U   P     OP2    sing N N 192 
U   P     "O5'"  sing N N 193 
U   OP2   HOP2   sing N N 194 
U   "O5'" "C5'"  sing N N 195 
U   "C5'" "C4'"  sing N N 196 
U   "C5'" "H5'"  sing N N 197 
U   "C5'" "H5''" sing N N 198 
U   "C4'" "O4'"  sing N N 199 
U   "C4'" "C3'"  sing N N 200 
U   "C4'" "H4'"  sing N N 201 
U   "O4'" "C1'"  sing N N 202 
U   "C3'" "O3'"  sing N N 203 
U   "C3'" "C2'"  sing N N 204 
U   "C3'" "H3'"  sing N N 205 
U   "O3'" "HO3'" sing N N 206 
U   "C2'" "O2'"  sing N N 207 
U   "C2'" "C1'"  sing N N 208 
U   "C2'" "H2'"  sing N N 209 
U   "O2'" "HO2'" sing N N 210 
U   "C1'" N1     sing N N 211 
U   "C1'" "H1'"  sing N N 212 
U   N1    C2     sing N N 213 
U   N1    C6     sing N N 214 
U   C2    O2     doub N N 215 
U   C2    N3     sing N N 216 
U   N3    C4     sing N N 217 
U   N3    H3     sing N N 218 
U   C4    O4     doub N N 219 
U   C4    C5     sing N N 220 
U   C5    C6     doub N N 221 
U   C5    H5     sing N N 222 
U   C6    H6     sing N N 223 
# 
loop_
_ndb_struct_conf_na.entry_id 
_ndb_struct_conf_na.feature 
6U7Z 'double helix'        
6U7Z 'a-form double helix' 
6U7Z tetraloop             
# 
loop_
_ndb_struct_na_base_pair.model_number 
_ndb_struct_na_base_pair.i_label_asym_id 
_ndb_struct_na_base_pair.i_label_comp_id 
_ndb_struct_na_base_pair.i_label_seq_id 
_ndb_struct_na_base_pair.i_symmetry 
_ndb_struct_na_base_pair.j_label_asym_id 
_ndb_struct_na_base_pair.j_label_comp_id 
_ndb_struct_na_base_pair.j_label_seq_id 
_ndb_struct_na_base_pair.j_symmetry 
_ndb_struct_na_base_pair.shear 
_ndb_struct_na_base_pair.stretch 
_ndb_struct_na_base_pair.stagger 
_ndb_struct_na_base_pair.buckle 
_ndb_struct_na_base_pair.propeller 
_ndb_struct_na_base_pair.opening 
_ndb_struct_na_base_pair.pair_number 
_ndb_struct_na_base_pair.pair_name 
_ndb_struct_na_base_pair.i_auth_asym_id 
_ndb_struct_na_base_pair.i_auth_seq_id 
_ndb_struct_na_base_pair.i_PDB_ins_code 
_ndb_struct_na_base_pair.j_auth_asym_id 
_ndb_struct_na_base_pair.j_auth_seq_id 
_ndb_struct_na_base_pair.j_PDB_ins_code 
_ndb_struct_na_base_pair.hbond_type_28 
_ndb_struct_na_base_pair.hbond_type_12 
1 A U 2  1_555 B U  11 1_555 -0.883 -1.354 0.619  -1.930  -25.516 10.533  1  A_U2:U11_B   A 2  ? B 11 ? 16 1 
1 A G 3  1_555 B C  10 1_555 0.167  -0.059 -0.164 -11.756 -20.512 5.396   2  A_G3:C10_B   A 3  ? B 10 ? 19 1 
1 A C 4  1_555 B G  9  1_555 0.181  -0.343 -0.258 -1.370  -12.515 -2.876  3  A_C4:G9_B    A 4  ? B 9  ? 19 1 
1 A U 5  1_555 B U  8  1_555 -2.704 -1.442 0.069  2.350   -13.237 -20.594 4  A_U5:U8_B    A 5  ? B 8  ? ?  ? 
1 A G 6  1_555 B C  7  1_555 0.057  -0.127 0.190  3.614   -4.000  1.373   5  A_G6:C7_B    A 6  ? B 7  ? 19 1 
1 A G 7  1_555 B C  6  1_555 -0.118 -0.030 -0.228 -10.417 -11.989 3.000   6  A_G7:C6_B    A 7  ? B 6  ? 19 1 
1 A C 8  1_555 B G  5  1_555 -0.284 0.005  -0.030 0.178   -5.044  -2.618  7  A_C8:G5_B    A 8  ? B 5  ? 19 1 
1 B A 3  1_555 A U  9  1_555 -4.272 -2.019 -0.375 14.854  -0.409  -91.848 8  B_A3:U9_A    B 3  ? A 9  ? 24 4 
1 A A 11 1_555 B U  4  1_555 0.009  -0.042 -0.555 -21.250 14.786  -9.136  9  A_A11:U4_B   A 11 ? B 4  ? 20 1 
1 A G 12 1_555 B U  2  1_555 -1.885 -0.550 -0.244 -4.696  -14.958 -7.531  10 A_G12:U2_B   A 12 ? B 2  ? 28 1 
1 A G 13 1_555 B C  1  1_555 0.493  -0.024 -0.027 -2.137  -10.169 -2.209  11 A_G13:C1_B   A 13 ? B 1  ? 19 1 
1 A C 15 1_555 A TG 22 1_555 0.109  0.014  -0.165 -6.560  5.653   -2.413  12 A_C15:TG22_A A 15 ? A 22 ? 19 1 
1 A C 16 1_555 A G  21 1_555 0.212  -0.063 0.139  1.324   8.948   0.105   13 A_C16:G21_A  A 16 ? A 21 ? 19 1 
1 A G 17 1_555 A A  20 1_555 6.940  -4.588 1.525  12.219  1.735   -10.644 14 A_G17:A20_A  A 17 ? A 20 ? ?  ? 
# 
loop_
_ndb_struct_na_base_pair_step.model_number 
_ndb_struct_na_base_pair_step.i_label_asym_id_1 
_ndb_struct_na_base_pair_step.i_label_comp_id_1 
_ndb_struct_na_base_pair_step.i_label_seq_id_1 
_ndb_struct_na_base_pair_step.i_symmetry_1 
_ndb_struct_na_base_pair_step.j_label_asym_id_1 
_ndb_struct_na_base_pair_step.j_label_comp_id_1 
_ndb_struct_na_base_pair_step.j_label_seq_id_1 
_ndb_struct_na_base_pair_step.j_symmetry_1 
_ndb_struct_na_base_pair_step.i_label_asym_id_2 
_ndb_struct_na_base_pair_step.i_label_comp_id_2 
_ndb_struct_na_base_pair_step.i_label_seq_id_2 
_ndb_struct_na_base_pair_step.i_symmetry_2 
_ndb_struct_na_base_pair_step.j_label_asym_id_2 
_ndb_struct_na_base_pair_step.j_label_comp_id_2 
_ndb_struct_na_base_pair_step.j_label_seq_id_2 
_ndb_struct_na_base_pair_step.j_symmetry_2 
_ndb_struct_na_base_pair_step.shift 
_ndb_struct_na_base_pair_step.slide 
_ndb_struct_na_base_pair_step.rise 
_ndb_struct_na_base_pair_step.tilt 
_ndb_struct_na_base_pair_step.roll 
_ndb_struct_na_base_pair_step.twist 
_ndb_struct_na_base_pair_step.x_displacement 
_ndb_struct_na_base_pair_step.y_displacement 
_ndb_struct_na_base_pair_step.helical_rise 
_ndb_struct_na_base_pair_step.inclination 
_ndb_struct_na_base_pair_step.tip 
_ndb_struct_na_base_pair_step.helical_twist 
_ndb_struct_na_base_pair_step.step_number 
_ndb_struct_na_base_pair_step.step_name 
_ndb_struct_na_base_pair_step.i_auth_asym_id_1 
_ndb_struct_na_base_pair_step.i_auth_seq_id_1 
_ndb_struct_na_base_pair_step.i_PDB_ins_code_1 
_ndb_struct_na_base_pair_step.j_auth_asym_id_1 
_ndb_struct_na_base_pair_step.j_auth_seq_id_1 
_ndb_struct_na_base_pair_step.j_PDB_ins_code_1 
_ndb_struct_na_base_pair_step.i_auth_asym_id_2 
_ndb_struct_na_base_pair_step.i_auth_seq_id_2 
_ndb_struct_na_base_pair_step.i_PDB_ins_code_2 
_ndb_struct_na_base_pair_step.j_auth_asym_id_2 
_ndb_struct_na_base_pair_step.j_auth_seq_id_2 
_ndb_struct_na_base_pair_step.j_PDB_ins_code_2 
1 A U 2  1_555 B U  11 1_555 A G 3  1_555 B C  10 1_555 -0.397 -1.102 3.517 4.391    11.379   39.102 -2.858 1.063  3.033 16.519  
-6.375 40.889  1  AA_U2G3:C10U11_BB    A 2  ? B 11 ? A 3  ? B 10 ? 
1 A G 3  1_555 B C  10 1_555 A C 4  1_555 B G  9  1_555 -0.590 -1.159 2.992 -0.389   6.013    29.618 -3.300 1.062  2.717 11.612  
0.750  30.211  2  AA_G3C4:G9C10_BB     A 3  ? B 10 ? A 4  ? B 9  ? 
1 A C 4  1_555 B G  9  1_555 A U 5  1_555 B U  8  1_555 -0.906 -2.155 3.060 -4.932   14.275   17.473 -9.107 0.982  1.194 38.859  
13.427 23.057  3  AA_C4U5:U8G9_BB      A 4  ? B 9  ? A 5  ? B 8  ? 
1 A U 5  1_555 B U  8  1_555 A G 6  1_555 B C  7  1_555 1.151  -1.303 3.232 -2.282   2.362    45.399 -1.886 -1.683 3.106 3.056   
2.952  45.512  4  AA_U5G6:C7U8_BB      A 5  ? B 8  ? A 6  ? B 7  ? 
1 A G 6  1_555 B C  7  1_555 A G 7  1_555 B C  6  1_555 0.323  -1.974 3.519 2.630    8.775    32.386 -4.852 -0.127 2.916 15.354  
-4.602 33.623  5  AA_G6G7:C6C7_BB      A 6  ? B 7  ? A 7  ? B 6  ? 
1 A G 7  1_555 B C  6  1_555 A C 8  1_555 B G  5  1_555 -0.961 -2.380 3.073 -2.851   0.921    28.337 -5.034 1.338  3.075 1.875   
5.804  28.492  6  AA_G7C8:G5C6_BB      A 7  ? B 6  ? A 8  ? B 5  ? 
1 A C 8  1_555 B G  5  1_555 B A 3  1_555 A U  9  1_555 -0.163 -4.969 0.031 -131.036 -108.316 89.069 -2.170 -0.305 2.364 -55.106 
66.665 172.882 7  AB_C8A3:U9G5_AB      A 8  ? B 5  ? B 3  ? A 9  ? 
1 B A 3  1_555 A U  9  1_555 A A 11 1_555 B U  4  1_555 -2.599 3.631  2.352 -146.670 -18.530  66.999 2.050  -0.121 3.083 -10.148 
80.321 153.288 8  BA_A3A11:U4U9_BA     B 3  ? A 9  ? A 11 ? B 4  ? 
1 A A 11 1_555 B U  4  1_555 A G 12 1_555 B U  2  1_555 4.491  -0.507 2.831 -7.952   31.022   62.417 -1.321 -4.168 1.910 28.072  
7.196  69.408  9  AA_A11G12:U2U4_BB    A 11 ? B 4  ? A 12 ? B 2  ? 
1 A G 12 1_555 B U  2  1_555 A G 13 1_555 B C  1  1_555 0.601  -1.142 3.236 -3.447   5.953    40.136 -2.273 -1.229 2.984 8.597   
4.978  40.697  10 AA_G12G13:C1U2_BB    A 12 ? B 2  ? A 13 ? B 1  ? 
1 A G 13 1_555 B C  1  1_555 A C 15 1_555 A TG 22 1_555 0.686  -2.782 6.429 8.673    10.917   70.887 -3.067 -0.025 6.043 9.323   
-7.406 72.068  11 AA_G13C15:TG22C1_AB  A 13 ? B 1  ? A 15 ? A 22 ? 
1 A C 15 1_555 A TG 22 1_555 A C 16 1_555 A G  21 1_555 -0.027 -1.691 3.283 -1.825   16.026   23.581 -6.555 -0.300 1.789 34.516  
3.930  28.505  12 AA_C15C16:G21TG22_AA A 15 ? A 22 ? A 16 ? A 21 ? 
1 A C 16 1_555 A G  21 1_555 A G 17 1_555 A A  20 1_555 -1.430 -1.252 2.903 -1.010   15.643   48.377 -2.386 1.610  2.442 18.532  
1.196  50.708  13 AA_C16G17:A20G21_AA  A 16 ? A 21 ? A 17 ? A 20 ? 
# 
_pdbx_audit_support.funding_organization   'Howard Hughes Medical Institute (HHMI)' 
_pdbx_audit_support.country                'United States' 
_pdbx_audit_support.grant_number           ? 
_pdbx_audit_support.ordinal                1 
# 
_pdbx_entity_instance_feature.ordinal        1 
_pdbx_entity_instance_feature.comp_id        TG 
_pdbx_entity_instance_feature.asym_id        ? 
_pdbx_entity_instance_feature.seq_num        ? 
_pdbx_entity_instance_feature.auth_comp_id   TG 
_pdbx_entity_instance_feature.auth_asym_id   ? 
_pdbx_entity_instance_feature.auth_seq_num   ? 
_pdbx_entity_instance_feature.feature_type   'SUBJECT OF INVESTIGATION' 
_pdbx_entity_instance_feature.details        ? 
# 
_pdbx_initial_refinement_model.id               1 
_pdbx_initial_refinement_model.entity_id_list   ? 
_pdbx_initial_refinement_model.type             'experimental model' 
_pdbx_initial_refinement_model.source_name      PDB 
_pdbx_initial_refinement_model.accession_code   5VCI 
_pdbx_initial_refinement_model.details          ? 
# 
_atom_sites.entry_id                    6U7Z 
_atom_sites.Cartn_transf_matrix[1][1]   ? 
_atom_sites.Cartn_transf_matrix[1][2]   ? 
_atom_sites.Cartn_transf_matrix[1][3]   ? 
_atom_sites.Cartn_transf_matrix[2][1]   ? 
_atom_sites.Cartn_transf_matrix[2][2]   ? 
_atom_sites.Cartn_transf_matrix[2][3]   ? 
_atom_sites.Cartn_transf_matrix[3][1]   ? 
_atom_sites.Cartn_transf_matrix[3][2]   ? 
_atom_sites.Cartn_transf_matrix[3][3]   ? 
_atom_sites.Cartn_transf_vector[1]      ? 
_atom_sites.Cartn_transf_vector[2]      ? 
_atom_sites.Cartn_transf_vector[3]      ? 
_atom_sites.fract_transf_matrix[1][1]   0.00707932 
_atom_sites.fract_transf_matrix[1][2]   0.01428663 
_atom_sites.fract_transf_matrix[1][3]   0.00281441 
_atom_sites.fract_transf_matrix[2][1]   0.00462289 
_atom_sites.fract_transf_matrix[2][2]   0.00392597 
_atom_sites.fract_transf_matrix[2][3]   0.01501213 
_atom_sites.fract_transf_matrix[3][1]   0.01326109 
_atom_sites.fract_transf_matrix[3][2]   -0.00607990 
_atom_sites.fract_transf_matrix[3][3]   -0.00249365 
_atom_sites.fract_transf_vector[1]      -0.130358 
_atom_sites.fract_transf_vector[2]      -0.233110 
_atom_sites.fract_transf_vector[3]      -0.027580 
_atom_sites.solution_primary            ? 
_atom_sites.solution_secondary          ? 
_atom_sites.solution_hydrogens          ? 
_atom_sites.special_details             ? 
# 
loop_
_atom_type.symbol 
C 
N 
O 
P 
# 
loop_
_atom_site.group_PDB 
_atom_site.id 
_atom_site.type_symbol 
_atom_site.label_atom_id 
_atom_site.label_alt_id 
_atom_site.label_comp_id 
_atom_site.label_asym_id 
_atom_site.label_entity_id 
_atom_site.label_seq_id 
_atom_site.pdbx_PDB_ins_code 
_atom_site.Cartn_x 
_atom_site.Cartn_y 
_atom_site.Cartn_z 
_atom_site.occupancy 
_atom_site.B_iso_or_equiv 
_atom_site.pdbx_formal_charge 
_atom_site.auth_seq_id 
_atom_site.auth_comp_id 
_atom_site.auth_asym_id 
_atom_site.auth_atom_id 
_atom_site.pdbx_PDB_model_num 
HETATM 1   O "O5'" . C5P A 1 1  ? 6.016   -16.273 -8.765  1.00 102.92 ? 1   C5P A "O5'" 1 
HETATM 2   C "C5'" . C5P A 1 1  ? 4.861   -17.093 -8.988  1.00 94.42  ? 1   C5P A "C5'" 1 
HETATM 3   C "C4'" . C5P A 1 1  ? 5.165   -18.525 -8.643  1.00 96.18  ? 1   C5P A "C4'" 1 
HETATM 4   O "O4'" . C5P A 1 1  ? 6.521   -18.852 -9.035  1.00 86.16  ? 1   C5P A "O4'" 1 
HETATM 5   C "C3'" . C5P A 1 1  ? 5.145   -18.843 -7.165  1.00 102.76 ? 1   C5P A "C3'" 1 
HETATM 6   O "O3'" . C5P A 1 1  ? 3.808   -19.020 -6.740  1.00 114.56 ? 1   C5P A "O3'" 1 
HETATM 7   C "C2'" . C5P A 1 1  ? 5.969   -20.115 -7.105  1.00 95.53  ? 1   C5P A "C2'" 1 
HETATM 8   O "O2'" . C5P A 1 1  ? 5.226   -21.261 -7.466  1.00 97.89  ? 1   C5P A "O2'" 1 
HETATM 9   C "C1'" . C5P A 1 1  ? 7.049   -19.819 -8.147  1.00 90.59  ? 1   C5P A "C1'" 1 
HETATM 10  N N1    . C5P A 1 1  ? 8.349   -19.332 -7.649  1.00 90.54  ? 1   C5P A N1    1 
HETATM 11  C C2    . C5P A 1 1  ? 8.956   -19.983 -6.569  1.00 89.43  ? 1   C5P A C2    1 
HETATM 12  N N3    . C5P A 1 1  ? 10.176  -19.576 -6.152  1.00 92.08  ? 1   C5P A N3    1 
HETATM 13  C C4    . C5P A 1 1  ? 10.802  -18.584 -6.790  1.00 91.13  ? 1   C5P A C4    1 
HETATM 14  C C5    . C5P A 1 1  ? 10.222  -17.923 -7.910  1.00 89.06  ? 1   C5P A C5    1 
HETATM 15  C C6    . C5P A 1 1  ? 9.011   -18.334 -8.310  1.00 89.42  ? 1   C5P A C6    1 
HETATM 16  O O2    . C5P A 1 1  ? 8.349   -20.901 -6.004  1.00 83.75  ? 1   C5P A O2    1 
HETATM 17  N N4    . C5P A 1 1  ? 12.004  -18.211 -6.344  1.00 95.52  ? 1   C5P A N4    1 
ATOM   18  P P     . U   A 1 2  ? 3.244   -18.102 -5.586  1.00 110.90 ? 2   U   A P     1 
ATOM   19  O OP1   . U   A 1 2  ? 1.765   -18.210 -5.637  1.00 119.95 ? 2   U   A OP1   1 
ATOM   20  O OP2   . U   A 1 2  ? 3.897   -16.755 -5.719  1.00 98.24  ? 2   U   A OP2   1 
ATOM   21  O "O5'" . U   A 1 2  ? 3.745   -18.861 -4.274  1.00 92.77  ? 2   U   A "O5'" 1 
ATOM   22  C "C5'" . U   A 1 2  ? 3.336   -20.219 -3.998  1.00 97.19  ? 2   U   A "C5'" 1 
ATOM   23  C "C4'" . U   A 1 2  ? 4.190   -20.834 -2.910  1.00 101.60 ? 2   U   A "C4'" 1 
ATOM   24  O "O4'" . U   A 1 2  ? 5.549   -20.983 -3.379  1.00 100.86 ? 2   U   A "O4'" 1 
ATOM   25  C "C3'" . U   A 1 2  ? 4.323   -20.021 -1.633  1.00 107.79 ? 2   U   A "C3'" 1 
ATOM   26  O "O3'" . U   A 1 2  ? 3.220   -20.285 -0.781  1.00 118.97 ? 2   U   A "O3'" 1 
ATOM   27  C "C2'" . U   A 1 2  ? 5.639   -20.516 -1.043  1.00 99.54  ? 2   U   A "C2'" 1 
ATOM   28  O "O2'" . U   A 1 2  ? 5.589   -21.659 -0.212  1.00 89.72  ? 2   U   A "O2'" 1 
ATOM   29  C "C1'" . U   A 1 2  ? 6.451   -20.815 -2.298  1.00 95.71  ? 2   U   A "C1'" 1 
ATOM   30  N N1    . U   A 1 2  ? 7.419   -19.763 -2.642  1.00 92.40  ? 2   U   A N1    1 
ATOM   31  C C2    . U   A 1 2  ? 8.581   -19.703 -1.898  1.00 99.46  ? 2   U   A C2    1 
ATOM   32  O O2    . U   A 1 2  ? 8.811   -20.455 -0.964  1.00 107.90 ? 2   U   A O2    1 
ATOM   33  N N3    . U   A 1 2  ? 9.459   -18.722 -2.281  1.00 96.45  ? 2   U   A N3    1 
ATOM   34  C C4    . U   A 1 2  ? 9.299   -17.807 -3.301  1.00 95.89  ? 2   U   A C4    1 
ATOM   35  O O4    . U   A 1 2  ? 10.182  -16.978 -3.518  1.00 121.13 ? 2   U   A O4    1 
ATOM   36  C C5    . U   A 1 2  ? 8.074   -17.933 -4.021  1.00 93.03  ? 2   U   A C5    1 
ATOM   37  C C6    . U   A 1 2  ? 7.198   -18.885 -3.680  1.00 97.36  ? 2   U   A C6    1 
ATOM   38  P P     . G   A 1 3  ? 2.546   -19.087 0.006   1.00 132.32 ? 3   G   A P     1 
ATOM   39  O OP1   . G   A 1 3  ? 1.352   -19.625 0.712   1.00 118.81 ? 3   G   A OP1   1 
ATOM   40  O OP2   . G   A 1 3  ? 2.396   -17.952 -0.939  1.00 116.08 ? 3   G   A OP2   1 
ATOM   41  O "O5'" . G   A 1 3  ? 3.659   -18.707 1.084   1.00 123.00 ? 3   G   A "O5'" 1 
ATOM   42  C "C5'" . G   A 1 3  ? 3.692   -19.397 2.343   1.00 121.04 ? 3   G   A "C5'" 1 
ATOM   43  C "C4'" . G   A 1 3  ? 5.021   -19.204 3.018   1.00 119.39 ? 3   G   A "C4'" 1 
ATOM   44  O "O4'" . G   A 1 3  ? 6.103   -19.348 2.062   1.00 111.74 ? 3   G   A "O4'" 1 
ATOM   45  C "C3'" . G   A 1 3  ? 5.275   -17.821 3.579   1.00 129.35 ? 3   G   A "C3'" 1 
ATOM   46  O "O3'" . G   A 1 3  ? 4.540   -17.538 4.758   1.00 139.49 ? 3   G   A "O3'" 1 
ATOM   47  C "C2'" . G   A 1 3  ? 6.779   -17.867 3.773   1.00 123.65 ? 3   G   A "C2'" 1 
ATOM   48  O "O2'" . G   A 1 3  ? 7.184   -18.661 4.876   1.00 115.34 ? 3   G   A "O2'" 1 
ATOM   49  C "C1'" . G   A 1 3  ? 7.198   -18.538 2.470   1.00 112.88 ? 3   G   A "C1'" 1 
ATOM   50  N N9    . G   A 1 3  ? 7.550   -17.619 1.388   1.00 107.10 ? 3   G   A N9    1 
ATOM   51  C C8    . G   A 1 3  ? 6.786   -17.221 0.315   1.00 102.84 ? 3   G   A C8    1 
ATOM   52  N N7    . G   A 1 3  ? 7.430   -16.438 -0.511  1.00 90.99  ? 3   G   A N7    1 
ATOM   53  C C5    . G   A 1 3  ? 8.696   -16.319 0.047   1.00 84.95  ? 3   G   A C5    1 
ATOM   54  C C6    . G   A 1 3  ? 9.830   -15.584 -0.392  1.00 85.57  ? 3   G   A C6    1 
ATOM   55  O O6    . G   A 1 3  ? 9.945   -14.873 -1.395  1.00 100.51 ? 3   G   A O6    1 
ATOM   56  N N1    . G   A 1 3  ? 10.899  -15.718 0.489   1.00 84.86  ? 3   G   A N1    1 
ATOM   57  C C2    . G   A 1 3  ? 10.880  -16.462 1.645   1.00 90.12  ? 3   G   A C2    1 
ATOM   58  N N2    . G   A 1 3  ? 12.011  -16.474 2.365   1.00 81.32  ? 3   G   A N2    1 
ATOM   59  N N3    . G   A 1 3  ? 9.835   -17.160 2.058   1.00 87.91  ? 3   G   A N3    1 
ATOM   60  C C4    . G   A 1 3  ? 8.785   -17.042 1.218   1.00 96.02  ? 3   G   A C4    1 
ATOM   61  P P     . C   A 1 4  ? 4.042   -16.044 5.041   1.00 133.81 ? 4   C   A P     1 
ATOM   62  O OP1   . C   A 1 4  ? 2.935   -16.129 6.028   1.00 137.44 ? 4   C   A OP1   1 
ATOM   63  O OP2   . C   A 1 4  ? 3.811   -15.376 3.728   1.00 106.90 ? 4   C   A OP2   1 
ATOM   64  O "O5'" . C   A 1 4  ? 5.321   -15.330 5.677   1.00 114.99 ? 4   C   A "O5'" 1 
ATOM   65  C "C5'" . C   A 1 4  ? 6.079   -15.930 6.742   1.00 117.95 ? 4   C   A "C5'" 1 
ATOM   66  C "C4'" . C   A 1 4  ? 7.426   -15.258 6.885   1.00 130.58 ? 4   C   A "C4'" 1 
ATOM   67  O "O4'" . C   A 1 4  ? 8.310   -15.630 5.790   1.00 129.85 ? 4   C   A "O4'" 1 
ATOM   68  C "C3'" . C   A 1 4  ? 7.453   -13.737 6.824   1.00 143.48 ? 4   C   A "C3'" 1 
ATOM   69  O "O3'" . C   A 1 4  ? 6.868   -13.051 7.935   1.00 148.20 ? 4   C   A "O3'" 1 
ATOM   70  C "C2'" . C   A 1 4  ? 8.942   -13.482 6.588   1.00 141.65 ? 4   C   A "C2'" 1 
ATOM   71  O "O2'" . C   A 1 4  ? 9.803   -13.525 7.716   1.00 126.85 ? 4   C   A "O2'" 1 
ATOM   72  C "C1'" . C   A 1 4  ? 9.270   -14.593 5.587   1.00 128.02 ? 4   C   A "C1'" 1 
ATOM   73  N N1    . C   A 1 4  ? 9.187   -14.112 4.189   1.00 110.90 ? 4   C   A N1    1 
ATOM   74  C C2    . C   A 1 4  ? 10.332  -13.551 3.591   1.00 110.33 ? 4   C   A C2    1 
ATOM   75  O O2    . C   A 1 4  ? 11.390  -13.506 4.238   1.00 96.18  ? 4   C   A O2    1 
ATOM   76  N N3    . C   A 1 4  ? 10.255  -13.088 2.319   1.00 95.44  ? 4   C   A N3    1 
ATOM   77  C C4    . C   A 1 4  ? 9.101   -13.162 1.652   1.00 92.49  ? 4   C   A C4    1 
ATOM   78  N N4    . C   A 1 4  ? 9.071   -12.701 0.404   1.00 98.93  ? 4   C   A N4    1 
ATOM   79  C C5    . C   A 1 4  ? 7.919   -13.708 2.242   1.00 96.99  ? 4   C   A C5    1 
ATOM   80  C C6    . C   A 1 4  ? 8.003   -14.155 3.504   1.00 96.31  ? 4   C   A C6    1 
ATOM   81  P P     . U   A 1 5  ? 6.716   -11.436 7.901   1.00 150.45 ? 5   U   A P     1 
ATOM   82  O OP1   . U   A 1 5  ? 6.005   -11.021 9.137   1.00 150.89 ? 5   U   A OP1   1 
ATOM   83  O OP2   . U   A 1 5  ? 6.139   -11.046 6.591   1.00 138.22 ? 5   U   A OP2   1 
ATOM   84  O "O5'" . U   A 1 5  ? 8.234   -10.948 7.966   1.00 124.74 ? 5   U   A "O5'" 1 
ATOM   85  C "C5'" . U   A 1 5  ? 8.582   -9.569  7.800   1.00 108.87 ? 5   U   A "C5'" 1 
ATOM   86  C "C4'" . U   A 1 5  ? 10.074  -9.373  7.955   1.00 114.42 ? 5   U   A "C4'" 1 
ATOM   87  O "O4'" . U   A 1 5  ? 10.792  -10.194 6.988   1.00 100.26 ? 5   U   A "O4'" 1 
ATOM   88  C "C3'" . U   A 1 5  ? 10.524  -7.943  7.689   1.00 125.37 ? 5   U   A "C3'" 1 
ATOM   89  O "O3'" . U   A 1 5  ? 10.294  -7.079  8.810   1.00 122.69 ? 5   U   A "O3'" 1 
ATOM   90  C "C2'" . U   A 1 5  ? 11.954  -8.120  7.171   1.00 119.29 ? 5   U   A "C2'" 1 
ATOM   91  O "O2'" . U   A 1 5  ? 13.023  -8.176  8.096   1.00 118.57 ? 5   U   A "O2'" 1 
ATOM   92  C "C1'" . U   A 1 5  ? 11.837  -9.433  6.387   1.00 109.28 ? 5   U   A "C1'" 1 
ATOM   93  N N1    . U   A 1 5  ? 11.553  -9.246  4.948   1.00 102.27 ? 5   U   A N1    1 
ATOM   94  C C2    . U   A 1 5  ? 12.524  -8.607  4.195   1.00 105.78 ? 5   U   A C2    1 
ATOM   95  O O2    . U   A 1 5  ? 13.564  -8.187  4.673   1.00 123.63 ? 5   U   A O2    1 
ATOM   96  N N3    . U   A 1 5  ? 12.227  -8.473  2.861   1.00 102.71 ? 5   U   A N3    1 
ATOM   97  C C4    . U   A 1 5  ? 11.088  -8.893  2.212   1.00 98.74  ? 5   U   A C4    1 
ATOM   98  O O4    . U   A 1 5  ? 10.968  -8.685  1.005   1.00 103.32 ? 5   U   A O4    1 
ATOM   99  C C5    . U   A 1 5  ? 10.130  -9.545  3.054   1.00 93.38  ? 5   U   A C5    1 
ATOM   100 C C6    . U   A 1 5  ? 10.390  -9.701  4.359   1.00 101.62 ? 5   U   A C6    1 
ATOM   101 P P     . G   A 1 6  ? 9.280   -5.807  8.678   1.00 133.53 ? 6   G   A P     1 
ATOM   102 O OP1   . G   A 1 6  ? 9.226   -5.118  9.992   1.00 125.53 ? 6   G   A OP1   1 
ATOM   103 O OP2   . G   A 1 6  ? 8.005   -6.281  8.080   1.00 127.35 ? 6   G   A OP2   1 
ATOM   104 O "O5'" . G   A 1 6  ? 10.052  -4.842  7.667   1.00 107.58 ? 6   G   A "O5'" 1 
ATOM   105 C "C5'" . G   A 1 6  ? 11.296  -4.264  8.074   1.00 97.93  ? 6   G   A "C5'" 1 
ATOM   106 C "C4'" . G   A 1 6  ? 12.109  -3.818  6.893   1.00 101.54 ? 6   G   A "C4'" 1 
ATOM   107 O "O4'" . G   A 1 6  ? 12.501  -4.952  6.067   1.00 109.83 ? 6   G   A "O4'" 1 
ATOM   108 C "C3'" . G   A 1 6  ? 11.433  -2.869  5.921   1.00 102.68 ? 6   G   A "C3'" 1 
ATOM   109 O "O3'" . G   A 1 6  ? 11.422  -1.549  6.442   1.00 107.55 ? 6   G   A "O3'" 1 
ATOM   110 C "C2'" . G   A 1 6  ? 12.345  -3.024  4.713   1.00 112.75 ? 6   G   A "C2'" 1 
ATOM   111 O "O2'" . G   A 1 6  ? 13.505  -2.230  4.855   1.00 95.93  ? 6   G   A "O2'" 1 
ATOM   112 C "C1'" . G   A 1 6  ? 12.540  -4.546  4.703   1.00 109.58 ? 6   G   A "C1'" 1 
ATOM   113 N N9    . G   A 1 6  ? 11.450  -5.211  3.988   1.00 100.85 ? 6   G   A N9    1 
ATOM   114 C C8    . G   A 1 6  ? 10.425  -5.951  4.532   1.00 94.73  ? 6   G   A C8    1 
ATOM   115 N N7    . G   A 1 6  ? 9.577   -6.385  3.640   1.00 88.41  ? 6   G   A N7    1 
ATOM   116 C C5    . G   A 1 6  ? 10.056  -5.883  2.438   1.00 85.00  ? 6   G   A C5    1 
ATOM   117 C C6    . G   A 1 6  ? 9.548   -6.017  1.122   1.00 82.84  ? 6   G   A C6    1 
ATOM   118 O O6    . G   A 1 6  ? 8.544   -6.628  0.747   1.00 90.35  ? 6   G   A O6    1 
ATOM   119 N N1    . G   A 1 6  ? 10.356  -5.368  0.191   1.00 74.52  ? 6   G   A N1    1 
ATOM   120 C C2    . G   A 1 6  ? 11.499  -4.664  0.494   1.00 83.27  ? 6   G   A C2    1 
ATOM   121 N N2    . G   A 1 6  ? 12.141  -4.099  -0.541  1.00 74.53  ? 6   G   A N2    1 
ATOM   122 N N3    . G   A 1 6  ? 11.967  -4.507  1.724   1.00 81.10  ? 6   G   A N3    1 
ATOM   123 C C4    . G   A 1 6  ? 11.208  -5.150  2.637   1.00 83.79  ? 6   G   A C4    1 
ATOM   124 P P     . G   A 1 7  ? 10.127  -0.597  6.291   1.00 118.07 ? 7   G   A P     1 
ATOM   125 O OP1   . G   A 1 7  ? 10.332  0.572   7.189   1.00 117.95 ? 7   G   A OP1   1 
ATOM   126 O OP2   . G   A 1 7  ? 8.911   -1.422  6.501   1.00 105.48 ? 7   G   A OP2   1 
ATOM   127 O "O5'" . G   A 1 7  ? 10.257  -0.076  4.786   1.00 100.70 ? 7   G   A "O5'" 1 
ATOM   128 C "C5'" . G   A 1 7  ? 11.443  0.650   4.391   1.00 103.95 ? 7   G   A "C5'" 1 
ATOM   129 C "C4'" . G   A 1 7  ? 11.635  0.673   2.891   1.00 105.14 ? 7   G   A "C4'" 1 
ATOM   130 O "O4'" . G   A 1 7  ? 11.853  -0.672  2.361   1.00 112.45 ? 7   G   A "O4'" 1 
ATOM   131 C "C3'" . G   A 1 7  ? 10.490  1.220   2.054   1.00 105.39 ? 7   G   A "C3'" 1 
ATOM   132 O "O3'" . G   A 1 7  ? 10.416  2.649   2.050   1.00 104.89 ? 7   G   A "O3'" 1 
ATOM   133 C "C2'" . G   A 1 7  ? 10.840  0.641   0.690   1.00 106.42 ? 7   G   A "C2'" 1 
ATOM   134 O "O2'" . G   A 1 7  ? 11.908  1.310   0.050   1.00 98.55  ? 7   G   A "O2'" 1 
ATOM   135 C "C1'" . G   A 1 7  ? 11.244  -0.784  1.078   1.00 99.82  ? 7   G   A "C1'" 1 
ATOM   136 N N9    . G   A 1 7  ? 10.096  -1.690  1.165   1.00 87.02  ? 7   G   A N9    1 
ATOM   137 C C8    . G   A 1 7  ? 9.594   -2.298  2.291   1.00 88.18  ? 7   G   A C8    1 
ATOM   138 N N7    . G   A 1 7  ? 8.541   -3.033  2.050   1.00 93.34  ? 7   G   A N7    1 
ATOM   139 C C5    . G   A 1 7  ? 8.325   -2.891  0.687   1.00 83.01  ? 7   G   A C5    1 
ATOM   140 C C6    . G   A 1 7  ? 7.313   -3.445  -0.149  1.00 83.83  ? 7   G   A C6    1 
ATOM   141 O O6    . G   A 1 7  ? 6.395   -4.215  0.160   1.00 91.13  ? 7   G   A O6    1 
ATOM   142 N N1    . G   A 1 7  ? 7.457   -3.034  -1.472  1.00 71.00  ? 7   G   A N1    1 
ATOM   143 C C2    . G   A 1 7  ? 8.456   -2.205  -1.933  1.00 81.38  ? 7   G   A C2    1 
ATOM   144 N N2    . G   A 1 7  ? 8.441   -1.928  -3.242  1.00 79.89  ? 7   G   A N2    1 
ATOM   145 N N3    . G   A 1 7  ? 9.397   -1.675  -1.162  1.00 74.35  ? 7   G   A N3    1 
ATOM   146 C C4    . G   A 1 7  ? 9.273   -2.060  0.125   1.00 76.93  ? 7   G   A C4    1 
ATOM   147 P P     . C   A 1 8  ? 8.986   3.430   2.027   1.00 102.10 ? 8   C   A P     1 
ATOM   148 O OP1   . C   A 1 8  ? 9.237   4.850   2.375   1.00 104.40 ? 8   C   A OP1   1 
ATOM   149 O OP2   . C   A 1 8  ? 7.973   2.644   2.788   1.00 86.39  ? 8   C   A OP2   1 
ATOM   150 O "O5'" . C   A 1 8  ? 8.566   3.399   0.494   1.00 88.07  ? 8   C   A "O5'" 1 
ATOM   151 C "C5'" . C   A 1 8  ? 9.145   4.306   -0.442  1.00 77.62  ? 8   C   A "C5'" 1 
ATOM   152 C "C4'" . C   A 1 8  ? 8.723   3.954   -1.848  1.00 77.65  ? 8   C   A "C4'" 1 
ATOM   153 O "O4'" . C   A 1 8  ? 8.827   2.523   -2.085  1.00 87.15  ? 8   C   A "O4'" 1 
ATOM   154 C "C3'" . C   A 1 8  ? 7.285   4.244   -2.201  1.00 82.03  ? 8   C   A "C3'" 1 
ATOM   155 O "O3'" . C   A 1 8  ? 7.120   5.642   -2.360  1.00 90.95  ? 8   C   A "O3'" 1 
ATOM   156 C "C2'" . C   A 1 8  ? 7.113   3.385   -3.448  1.00 78.57  ? 8   C   A "C2'" 1 
ATOM   157 O "O2'" . C   A 1 8  ? 7.738   3.815   -4.631  1.00 70.31  ? 8   C   A "O2'" 1 
ATOM   158 C "C1'" . C   A 1 8  ? 7.831   2.112   -3.020  1.00 71.58  ? 8   C   A "C1'" 1 
ATOM   159 N N1    . C   A 1 8  ? 6.931   1.146   -2.366  1.00 67.18  ? 8   C   A N1    1 
ATOM   160 C C2    . C   A 1 8  ? 5.988   0.466   -3.144  1.00 69.29  ? 8   C   A C2    1 
ATOM   161 O O2    . C   A 1 8  ? 5.947   0.689   -4.365  1.00 70.68  ? 8   C   A O2    1 
ATOM   162 N N3    . C   A 1 8  ? 5.144   -0.410  -2.544  1.00 68.11  ? 8   C   A N3    1 
ATOM   163 C C4    . C   A 1 8  ? 5.241   -0.633  -1.228  1.00 73.62  ? 8   C   A C4    1 
ATOM   164 N N4    . C   A 1 8  ? 4.402   -1.507  -0.673  1.00 73.48  ? 8   C   A N4    1 
ATOM   165 C C5    . C   A 1 8  ? 6.207   0.031   -0.420  1.00 73.21  ? 8   C   A C5    1 
ATOM   166 C C6    . C   A 1 8  ? 7.018   0.909   -1.021  1.00 75.90  ? 8   C   A C6    1 
ATOM   167 P P     . U   A 1 9  ? 5.795   6.353   -1.843  1.00 99.39  ? 9   U   A P     1 
ATOM   168 O OP1   . U   A 1 9  ? 5.966   7.810   -2.079  1.00 95.24  ? 9   U   A OP1   1 
ATOM   169 O OP2   . U   A 1 9  ? 5.493   5.853   -0.461  1.00 77.38  ? 9   U   A OP2   1 
ATOM   170 O "O5'" . U   A 1 9  ? 4.699   5.823   -2.877  1.00 81.71  ? 9   U   A "O5'" 1 
ATOM   171 C "C5'" . U   A 1 9  ? 4.789   6.151   -4.276  1.00 81.03  ? 9   U   A "C5'" 1 
ATOM   172 C "C4'" . U   A 1 9  ? 3.827   5.310   -5.083  1.00 86.40  ? 9   U   A "C4'" 1 
ATOM   173 O "O4'" . U   A 1 9  ? 4.096   3.906   -4.832  1.00 86.54  ? 9   U   A "O4'" 1 
ATOM   174 C "C3'" . U   A 1 9  ? 2.349   5.442   -4.751  1.00 87.72  ? 9   U   A "C3'" 1 
ATOM   175 O "O3'" . U   A 1 9  ? 1.698   6.552   -5.350  1.00 100.16 ? 9   U   A "O3'" 1 
ATOM   176 C "C2'" . U   A 1 9  ? 1.785   4.147   -5.311  1.00 78.15  ? 9   U   A "C2'" 1 
ATOM   177 O "O2'" . U   A 1 9  ? 1.522   4.201   -6.703  1.00 67.26  ? 9   U   A "O2'" 1 
ATOM   178 C "C1'" . U   A 1 9  ? 2.891   3.164   -4.931  1.00 71.32  ? 9   U   A "C1'" 1 
ATOM   179 N N1    . U   A 1 9  ? 2.645   2.485   -3.652  1.00 62.28  ? 9   U   A N1    1 
ATOM   180 C C2    . U   A 1 9  ? 1.665   1.516   -3.647  1.00 66.34  ? 9   U   A C2    1 
ATOM   181 O O2    . U   A 1 9  ? 1.026   1.223   -4.640  1.00 76.22  ? 9   U   A O2    1 
ATOM   182 N N3    . U   A 1 9  ? 1.455   0.908   -2.434  1.00 60.72  ? 9   U   A N3    1 
ATOM   183 C C4    . U   A 1 9  ? 2.141   1.131   -1.259  1.00 64.69  ? 9   U   A C4    1 
ATOM   184 O O4    . U   A 1 9  ? 1.851   0.480   -0.249  1.00 62.63  ? 9   U   A O4    1 
ATOM   185 C C5    . U   A 1 9  ? 3.161   2.132   -1.352  1.00 72.18  ? 9   U   A C5    1 
ATOM   186 C C6    . U   A 1 9  ? 3.368   2.766   -2.517  1.00 66.60  ? 9   U   A C6    1 
ATOM   187 P P     . A   A 1 10 ? 0.718   7.484   -4.472  1.00 98.93  ? 10  A   A P     1 
ATOM   188 O OP1   . A   A 1 10 ? 0.472   8.710   -5.269  1.00 101.37 ? 10  A   A OP1   1 
ATOM   189 O OP2   . A   A 1 10 ? 1.238   7.586   -3.078  1.00 79.18  ? 10  A   A OP2   1 
ATOM   190 O "O5'" . A   A 1 10 ? -0.583  6.588   -4.295  1.00 98.62  ? 10  A   A "O5'" 1 
ATOM   191 C "C5'" . A   A 1 10 ? -1.342  6.126   -5.432  1.00 98.31  ? 10  A   A "C5'" 1 
ATOM   192 C "C4'" . A   A 1 10 ? -2.388  5.156   -4.954  1.00 84.86  ? 10  A   A "C4'" 1 
ATOM   193 O "O4'" . A   A 1 10 ? -1.747  4.107   -4.174  1.00 81.80  ? 10  A   A "O4'" 1 
ATOM   194 C "C3'" . A   A 1 10 ? -3.452  5.774   -4.044  1.00 75.73  ? 10  A   A "C3'" 1 
ATOM   195 O "O3'" . A   A 1 10 ? -4.711  5.613   -4.653  1.00 81.74  ? 10  A   A "O3'" 1 
ATOM   196 C "C2'" . A   A 1 10 ? -3.389  4.955   -2.747  1.00 70.98  ? 10  A   A "C2'" 1 
ATOM   197 O "O2'" . A   A 1 10 ? -4.709  4.787   -2.240  1.00 70.31  ? 10  A   A "O2'" 1 
ATOM   198 C "C1'" . A   A 1 10 ? -2.638  3.685   -3.182  1.00 74.51  ? 10  A   A "C1'" 1 
ATOM   199 N N9    . A   A 1 10 ? -1.882  3.081   -2.092  1.00 68.96  ? 10  A   A N9    1 
ATOM   200 C C8    . A   A 1 10 ? -0.722  3.542   -1.521  1.00 81.35  ? 10  A   A C8    1 
ATOM   201 N N7    . A   A 1 10 ? -0.347  2.864   -0.460  1.00 77.09  ? 10  A   A N7    1 
ATOM   202 C C5    . A   A 1 10 ? -1.332  1.899   -0.316  1.00 62.18  ? 10  A   A C5    1 
ATOM   203 C C6    . A   A 1 10 ? -1.502  0.856   0.606   1.00 64.01  ? 10  A   A C6    1 
ATOM   204 N N6    . A   A 1 10 ? -0.644  0.595   1.594   1.00 74.10  ? 10  A   A N6    1 
ATOM   205 N N1    . A   A 1 10 ? -2.602  0.081   0.483   1.00 65.42  ? 10  A   A N1    1 
ATOM   206 C C2    . A   A 1 10 ? -3.449  0.326   -0.526  1.00 72.03  ? 10  A   A C2    1 
ATOM   207 N N3    . A   A 1 10 ? -3.380  1.257   -1.478  1.00 72.13  ? 10  A   A N3    1 
ATOM   208 C C4    . A   A 1 10 ? -2.282  2.018   -1.317  1.00 69.02  ? 10  A   A C4    1 
ATOM   209 P P     . A   A 1 11 ? -5.487  6.849   -5.246  1.00 101.56 ? 11  A   A P     1 
ATOM   210 O OP1   . A   A 1 11 ? -4.597  7.573   -6.186  1.00 99.90  ? 11  A   A OP1   1 
ATOM   211 O OP2   . A   A 1 11 ? -6.027  7.576   -4.071  1.00 89.62  ? 11  A   A OP2   1 
ATOM   212 O "O5'" . A   A 1 11 ? -6.630  6.127   -6.103  1.00 98.61  ? 11  A   A "O5'" 1 
ATOM   213 C "C5'" . A   A 1 11 ? -6.776  6.247   -7.536  1.00 86.11  ? 11  A   A "C5'" 1 
ATOM   214 C "C4'" . A   A 1 11 ? -7.320  4.974   -8.189  1.00 102.95 ? 11  A   A "C4'" 1 
ATOM   215 O "O4'" . A   A 1 11 ? -6.257  3.978   -8.348  1.00 103.93 ? 11  A   A "O4'" 1 
ATOM   216 C "C3'" . A   A 1 11 ? -8.471  4.217   -7.522  1.00 100.45 ? 11  A   A "C3'" 1 
ATOM   217 O "O3'" . A   A 1 11 ? -9.786  4.595   -7.956  1.00 102.43 ? 11  A   A "O3'" 1 
ATOM   218 C "C2'" . A   A 1 11 ? -8.293  2.812   -8.101  1.00 95.82  ? 11  A   A "C2'" 1 
ATOM   219 O "O2'" . A   A 1 11 ? -8.803  2.657   -9.413  1.00 97.14  ? 11  A   A "O2'" 1 
ATOM   220 C "C1'" . A   A 1 11 ? -6.773  2.674   -8.145  1.00 83.53  ? 11  A   A "C1'" 1 
ATOM   221 N N9    . A   A 1 11 ? -6.256  2.175   -6.881  1.00 71.84  ? 11  A   A N9    1 
ATOM   222 C C8    . A   A 1 11 ? -5.531  2.886   -5.961  1.00 77.44  ? 11  A   A C8    1 
ATOM   223 N N7    . A   A 1 11 ? -5.230  2.203   -4.882  1.00 72.71  ? 11  A   A N7    1 
ATOM   224 C C5    . A   A 1 11 ? -5.808  0.965   -5.099  1.00 67.70  ? 11  A   A C5    1 
ATOM   225 C C6    . A   A 1 11 ? -5.875  -0.192  -4.309  1.00 70.34  ? 11  A   A C6    1 
ATOM   226 N N6    . A   A 1 11 ? -5.308  -0.295  -3.107  1.00 76.94  ? 11  A   A N6    1 
ATOM   227 N N1    . A   A 1 11 ? -6.543  -1.257  -4.808  1.00 65.67  ? 11  A   A N1    1 
ATOM   228 C C2    . A   A 1 11 ? -7.107  -1.148  -6.022  1.00 67.94  ? 11  A   A C2    1 
ATOM   229 N N3    . A   A 1 11 ? -7.115  -0.108  -6.859  1.00 74.47  ? 11  A   A N3    1 
ATOM   230 C C4    . A   A 1 11 ? -6.447  0.932   -6.327  1.00 79.59  ? 11  A   A C4    1 
ATOM   231 P P     . G   A 1 12 ? -10.924 5.143   -6.947  1.00 94.67  ? 12  G   A P     1 
ATOM   232 O OP1   . G   A 1 12 ? -11.891 5.905   -7.774  1.00 87.80  ? 12  G   A OP1   1 
ATOM   233 O OP2   . G   A 1 12 ? -10.277 5.741   -5.735  1.00 76.66  ? 12  G   A OP2   1 
ATOM   234 O "O5'" . G   A 1 12 ? -11.647 3.854   -6.353  1.00 90.34  ? 12  G   A "O5'" 1 
ATOM   235 C "C5'" . G   A 1 12 ? -11.859 2.617   -7.055  1.00 94.84  ? 12  G   A "C5'" 1 
ATOM   236 C "C4'" . G   A 1 12 ? -11.832 1.451   -6.073  1.00 99.23  ? 12  G   A "C4'" 1 
ATOM   237 O "O4'" . G   A 1 12 ? -10.465 0.969   -5.908  1.00 102.06 ? 12  G   A "O4'" 1 
ATOM   238 C "C3'" . G   A 1 12 ? -12.311 1.713   -4.648  1.00 94.80  ? 12  G   A "C3'" 1 
ATOM   239 O "O3'" . G   A 1 12 ? -13.727 1.657   -4.530  1.00 96.34  ? 12  G   A "O3'" 1 
ATOM   240 C "C2'" . G   A 1 12 ? -11.625 0.591   -3.873  1.00 96.96  ? 12  G   A "C2'" 1 
ATOM   241 O "O2'" . G   A 1 12 ? -12.301 -0.658  -3.873  1.00 94.38  ? 12  G   A "O2'" 1 
ATOM   242 C "C1'" . G   A 1 12 ? -10.262 0.533   -4.569  1.00 94.44  ? 12  G   A "C1'" 1 
ATOM   243 N N9    . G   A 1 12 ? -9.260  1.392   -3.940  1.00 89.42  ? 12  G   A N9    1 
ATOM   244 C C8    . G   A 1 12 ? -8.783  2.599   -4.395  1.00 94.74  ? 12  G   A C8    1 
ATOM   245 N N7    . G   A 1 12 ? -7.888  3.128   -3.603  1.00 91.18  ? 12  G   A N7    1 
ATOM   246 C C5    . G   A 1 12 ? -7.780  2.223   -2.556  1.00 76.19  ? 12  G   A C5    1 
ATOM   247 C C6    . G   A 1 12 ? -6.982  2.266   -1.383  1.00 74.48  ? 12  G   A C6    1 
ATOM   248 O O6    . G   A 1 12 ? -6.183  3.141   -1.019  1.00 79.67  ? 12  G   A O6    1 
ATOM   249 N N1    . G   A 1 12 ? -7.177  1.139   -0.596  1.00 66.64  ? 12  G   A N1    1 
ATOM   250 C C2    . G   A 1 12 ? -8.045  0.112   -0.884  1.00 74.36  ? 12  G   A C2    1 
ATOM   251 N N2    . G   A 1 12 ? -8.103  -0.888  0.013   1.00 67.95  ? 12  G   A N2    1 
ATOM   252 N N3    . G   A 1 12 ? -8.805  0.068   -1.966  1.00 68.22  ? 12  G   A N3    1 
ATOM   253 C C4    . G   A 1 12 ? -8.625  1.149   -2.749  1.00 74.45  ? 12  G   A C4    1 
ATOM   254 P P     . G   A 1 13 ? -14.537 2.771   -3.691  1.00 105.78 ? 13  G   A P     1 
ATOM   255 O OP1   . G   A 1 13 ? -15.979 2.475   -3.886  1.00 105.61 ? 13  G   A OP1   1 
ATOM   256 O OP2   . G   A 1 13 ? -14.027 4.122   -4.060  1.00 104.68 ? 13  G   A OP2   1 
ATOM   257 O "O5'" . G   A 1 13 ? -14.093 2.493   -2.180  1.00 79.71  ? 13  G   A "O5'" 1 
ATOM   258 C "C5'" . G   A 1 13 ? -14.601 1.335   -1.515  1.00 85.92  ? 13  G   A "C5'" 1 
ATOM   259 C "C4'" . G   A 1 13 ? -13.679 0.881   -0.419  1.00 85.55  ? 13  G   A "C4'" 1 
ATOM   260 O "O4'" . G   A 1 13 ? -12.313 0.906   -0.883  1.00 96.62  ? 13  G   A "O4'" 1 
ATOM   261 C "C3'" . G   A 1 13 ? -13.655 1.784   0.789   1.00 95.88  ? 13  G   A "C3'" 1 
ATOM   262 O "O3'" . G   A 1 13 ? -14.769 1.547   1.611   1.00 112.04 ? 13  G   A "O3'" 1 
ATOM   263 C "C2'" . G   A 1 13 ? -12.318 1.442   1.423   1.00 94.88  ? 13  G   A "C2'" 1 
ATOM   264 O "O2'" . G   A 1 13 ? -12.244 0.264   2.188   1.00 78.33  ? 13  G   A "O2'" 1 
ATOM   265 C "C1'" . G   A 1 13 ? -11.455 1.297   0.180   1.00 97.54  ? 13  G   A "C1'" 1 
ATOM   266 N N9    . G   A 1 13 ? -10.740 2.517   -0.196  1.00 99.19  ? 13  G   A N9    1 
ATOM   267 C C8    . G   A 1 13 ? -10.867 3.273   -1.340  1.00 101.20 ? 13  G   A C8    1 
ATOM   268 N N7    . G   A 1 13 ? -10.034 4.278   -1.385  1.00 93.19  ? 13  G   A N7    1 
ATOM   269 C C5    . G   A 1 13 ? -9.304  4.170   -0.210  1.00 79.52  ? 13  G   A C5    1 
ATOM   270 C C6    . G   A 1 13 ? -8.252  4.971   0.287   1.00 83.61  ? 13  G   A C6    1 
ATOM   271 O O6    . G   A 1 13 ? -7.725  5.961   -0.242  1.00 88.99  ? 13  G   A O6    1 
ATOM   272 N N1    . G   A 1 13 ? -7.794  4.505   1.522   1.00 76.92  ? 13  G   A N1    1 
ATOM   273 C C2    . G   A 1 13 ? -8.304  3.412   2.195   1.00 78.46  ? 13  G   A C2    1 
ATOM   274 N N2    . G   A 1 13 ? -7.742  3.112   3.377   1.00 66.61  ? 13  G   A N2    1 
ATOM   275 N N3    . G   A 1 13 ? -9.292  2.662   1.736   1.00 72.49  ? 13  G   A N3    1 
ATOM   276 C C4    . G   A 1 13 ? -9.730  3.086   0.533   1.00 78.18  ? 13  G   A C4    1 
ATOM   277 P P     . G   A 1 14 ? -15.408 2.779   2.321   1.00 109.18 ? 14  G   A P     1 
ATOM   278 O OP1   . G   A 1 14 ? -16.283 2.292   3.385   1.00 114.44 ? 14  G   A OP1   1 
ATOM   279 O OP2   . G   A 1 14 ? -15.925 3.686   1.294   1.00 84.14  ? 14  G   A OP2   1 
ATOM   280 O "O5'" . G   A 1 14 ? -14.141 3.461   2.978   1.00 96.49  ? 14  G   A "O5'" 1 
ATOM   281 C "C5'" . G   A 1 14 ? -14.292 4.274   4.130   1.00 103.21 ? 14  G   A "C5'" 1 
ATOM   282 C "C4'" . G   A 1 14 ? -13.432 3.768   5.257   1.00 97.98  ? 14  G   A "C4'" 1 
ATOM   283 O "O4'" . G   A 1 14 ? -12.193 3.230   4.734   1.00 101.50 ? 14  G   A "O4'" 1 
ATOM   284 C "C3'" . G   A 1 14 ? -13.040 4.855   6.242   1.00 103.37 ? 14  G   A "C3'" 1 
ATOM   285 O "O3'" . G   A 1 14 ? -13.950 4.786   7.320   1.00 97.33  ? 14  G   A "O3'" 1 
ATOM   286 C "C2'" . G   A 1 14 ? -11.577 4.563   6.534   1.00 96.41  ? 14  G   A "C2'" 1 
ATOM   287 O "O2'" . G   A 1 14 ? -11.465 3.563   7.511   1.00 95.12  ? 14  G   A "O2'" 1 
ATOM   288 C "C1'" . G   A 1 14 ? -11.111 4.001   5.198   1.00 91.77  ? 14  G   A "C1'" 1 
ATOM   289 N N9    . G   A 1 14 ? -10.793 4.977   4.163   1.00 83.97  ? 14  G   A N9    1 
ATOM   290 C C8    . G   A 1 14 ? -11.397 5.080   2.936   1.00 78.83  ? 14  G   A C8    1 
ATOM   291 N N7    . G   A 1 14 ? -10.884 6.015   2.188   1.00 77.51  ? 14  G   A N7    1 
ATOM   292 C C5    . G   A 1 14 ? -9.871  6.558   2.963   1.00 78.21  ? 14  G   A C5    1 
ATOM   293 C C6    . G   A 1 14 ? -8.965  7.613   2.683   1.00 75.49  ? 14  G   A C6    1 
ATOM   294 O O6    . G   A 1 14 ? -8.874  8.294   1.659   1.00 85.15  ? 14  G   A O6    1 
ATOM   295 N N1    . G   A 1 14 ? -8.097  7.841   3.744   1.00 72.75  ? 14  G   A N1    1 
ATOM   296 C C2    . G   A 1 14 ? -8.106  7.146   4.927   1.00 87.35  ? 14  G   A C2    1 
ATOM   297 N N2    . G   A 1 14 ? -7.197  7.520   5.833   1.00 73.86  ? 14  G   A N2    1 
ATOM   298 N N3    . G   A 1 14 ? -8.947  6.163   5.204   1.00 90.90  ? 14  G   A N3    1 
ATOM   299 C C4    . G   A 1 14 ? -9.796  5.921   4.183   1.00 84.04  ? 14  G   A C4    1 
ATOM   300 P P     . C   A 1 15 ? -15.051 5.886   7.417   1.00 112.36 ? 15  C   A P     1 
ATOM   301 O OP1   . C   A 1 15 ? -16.060 5.487   8.426   1.00 122.93 ? 15  C   A OP1   1 
ATOM   302 O OP2   . C   A 1 15 ? -15.510 6.227   6.026   1.00 88.36  ? 15  C   A OP2   1 
ATOM   303 O "O5'" . C   A 1 15 ? -14.215 7.111   7.986   1.00 97.27  ? 15  C   A "O5'" 1 
ATOM   304 C "C5'" . C   A 1 15 ? -13.439 6.915   9.174   1.00 98.93  ? 15  C   A "C5'" 1 
ATOM   305 C "C4'" . C   A 1 15 ? -12.348 7.943   9.263   1.00 102.52 ? 15  C   A "C4'" 1 
ATOM   306 O "O4'" . C   A 1 15 ? -11.324 7.693   8.260   1.00 98.20  ? 15  C   A "O4'" 1 
ATOM   307 C "C3'" . C   A 1 15 ? -12.737 9.387   9.000   1.00 99.72  ? 15  C   A "C3'" 1 
ATOM   308 O "O3'" . C   A 1 15 ? -13.489 9.984   10.059  1.00 98.49  ? 15  C   A "O3'" 1 
ATOM   309 C "C2'" . C   A 1 15 ? -11.360 9.993   8.793   1.00 107.74 ? 15  C   A "C2'" 1 
ATOM   310 O "O2'" . C   A 1 15 ? -10.666 10.128  10.018  1.00 107.43 ? 15  C   A "O2'" 1 
ATOM   311 C "C1'" . C   A 1 15 ? -10.715 8.927   7.901   1.00 99.55  ? 15  C   A "C1'" 1 
ATOM   312 N N1    . C   A 1 15 ? -10.924 9.169   6.454   1.00 97.40  ? 15  C   A N1    1 
ATOM   313 C C2    . C   A 1 15 ? -10.083 10.083  5.796   1.00 95.36  ? 15  C   A C2    1 
ATOM   314 O O2    . C   A 1 15 ? -9.181  10.640  6.439   1.00 107.51 ? 15  C   A O2    1 
ATOM   315 N N3    . C   A 1 15 ? -10.261 10.315  4.473   1.00 84.12  ? 15  C   A N3    1 
ATOM   316 C C4    . C   A 1 15 ? -11.236 9.685   3.811   1.00 85.18  ? 15  C   A C4    1 
ATOM   317 N N4    . C   A 1 15 ? -11.381 9.948   2.510   1.00 77.09  ? 15  C   A N4    1 
ATOM   318 C C5    . C   A 1 15 ? -12.115 8.762   4.456   1.00 94.82  ? 15  C   A C5    1 
ATOM   319 C C6    . C   A 1 15 ? -11.928 8.541   5.767   1.00 95.15  ? 15  C   A C6    1 
ATOM   320 P P     . C   A 1 16 ? -14.809 10.890  9.737   1.00 103.57 ? 16  C   A P     1 
ATOM   321 O OP1   . C   A 1 16 ? -15.726 10.769  10.900  1.00 115.04 ? 16  C   A OP1   1 
ATOM   322 O OP2   . C   A 1 16 ? -15.325 10.557  8.386   1.00 107.69 ? 16  C   A OP2   1 
ATOM   323 O "O5'" . C   A 1 16 ? -14.211 12.357  9.578   1.00 97.72  ? 16  C   A "O5'" 1 
ATOM   324 C "C5'" . C   A 1 16 ? -13.129 12.802  10.421  1.00 96.15  ? 16  C   A "C5'" 1 
ATOM   325 C "C4'" . C   A 1 16 ? -12.397 13.987  9.824   1.00 97.81  ? 16  C   A "C4'" 1 
ATOM   326 O "O4'" . C   A 1 16 ? -11.367 13.547  8.893   1.00 97.85  ? 16  C   A "O4'" 1 
ATOM   327 C "C3'" . C   A 1 16 ? -13.190 15.011  9.023   1.00 97.88  ? 16  C   A "C3'" 1 
ATOM   328 O "O3'" . C   A 1 16 ? -14.017 15.830  9.865   1.00 97.86  ? 16  C   A "O3'" 1 
ATOM   329 C "C2'" . C   A 1 16 ? -12.048 15.740  8.318   1.00 95.28  ? 16  C   A "C2'" 1 
ATOM   330 O "O2'" . C   A 1 16 ? -11.272 16.622  9.099   1.00 91.01  ? 16  C   A "O2'" 1 
ATOM   331 C "C1'" . C   A 1 16 ? -11.135 14.569  7.940   1.00 89.79  ? 16  C   A "C1'" 1 
ATOM   332 N N1    . C   A 1 16 ? -11.468 14.063  6.598   1.00 86.18  ? 16  C   A N1    1 
ATOM   333 C C2    . C   A 1 16 ? -10.980 14.764  5.488   1.00 90.10  ? 16  C   A C2    1 
ATOM   334 O O2    . C   A 1 16 ? -10.246 15.747  5.672   1.00 97.83  ? 16  C   A O2    1 
ATOM   335 N N3    . C   A 1 16 ? -11.303 14.343  4.245   1.00 82.26  ? 16  C   A N3    1 
ATOM   336 C C4    . C   A 1 16 ? -12.116 13.297  4.087   1.00 80.92  ? 16  C   A C4    1 
ATOM   337 N N4    . C   A 1 16 ? -12.411 12.920  2.844   1.00 81.30  ? 16  C   A N4    1 
ATOM   338 C C5    . C   A 1 16 ? -12.642 12.577  5.200   1.00 82.93  ? 16  C   A C5    1 
ATOM   339 C C6    . C   A 1 16 ? -12.301 12.994  6.427   1.00 75.77  ? 16  C   A C6    1 
ATOM   340 P P     . G   A 1 17 ? -15.547 16.211  9.468   1.00 97.32  ? 17  G   A P     1 
ATOM   341 O OP1   . G   A 1 17 ? -16.123 17.012  10.579  1.00 109.67 ? 17  G   A OP1   1 
ATOM   342 O OP2   . G   A 1 17 ? -16.262 14.998  8.982   1.00 103.98 ? 17  G   A OP2   1 
ATOM   343 O "O5'" . G   A 1 17 ? -15.374 17.145  8.192   1.00 100.40 ? 17  G   A "O5'" 1 
ATOM   344 C "C5'" . G   A 1 17 ? -14.667 18.386  8.277   1.00 90.20  ? 17  G   A "C5'" 1 
ATOM   345 C "C4'" . G   A 1 17 ? -14.375 18.910  6.891   1.00 86.87  ? 17  G   A "C4'" 1 
ATOM   346 O "O4'" . G   A 1 17 ? -13.515 17.976  6.190   1.00 98.74  ? 17  G   A "O4'" 1 
ATOM   347 C "C3'" . G   A 1 17 ? -15.556 19.060  5.949   1.00 86.13  ? 17  G   A "C3'" 1 
ATOM   348 O "O3'" . G   A 1 17 ? -16.370 20.197  6.225   1.00 103.18 ? 17  G   A "O3'" 1 
ATOM   349 C "C2'" . G   A 1 17 ? -14.856 19.128  4.599   1.00 84.67  ? 17  G   A "C2'" 1 
ATOM   350 O "O2'" . G   A 1 17 ? -14.412 20.408  4.203   1.00 73.71  ? 17  G   A "O2'" 1 
ATOM   351 C "C1'" . G   A 1 17 ? -13.724 18.106  4.793   1.00 94.23  ? 17  G   A "C1'" 1 
ATOM   352 N N9    . G   A 1 17 ? -14.122 16.811  4.251   1.00 93.24  ? 17  G   A N9    1 
ATOM   353 C C8    . G   A 1 17 ? -14.617 15.724  4.933   1.00 92.96  ? 17  G   A C8    1 
ATOM   354 N N7    . G   A 1 17 ? -14.977 14.748  4.146   1.00 98.57  ? 17  G   A N7    1 
ATOM   355 C C5    . G   A 1 17 ? -14.722 15.225  2.868   1.00 95.08  ? 17  G   A C5    1 
ATOM   356 C C6    . G   A 1 17 ? -14.912 14.615  1.606   1.00 91.03  ? 17  G   A C6    1 
ATOM   357 O O6    . G   A 1 17 ? -15.353 13.489  1.358   1.00 106.44 ? 17  G   A O6    1 
ATOM   358 N N1    . G   A 1 17 ? -14.519 15.452  0.564   1.00 90.35  ? 17  G   A N1    1 
ATOM   359 C C2    . G   A 1 17 ? -14.004 16.717  0.720   1.00 94.33  ? 17  G   A C2    1 
ATOM   360 N N2    . G   A 1 17 ? -13.688 17.381  -0.406  1.00 93.65  ? 17  G   A N2    1 
ATOM   361 N N3    . G   A 1 17 ? -13.815 17.295  1.894   1.00 95.11  ? 17  G   A N3    1 
ATOM   362 C C4    . G   A 1 17 ? -14.198 16.499  2.917   1.00 92.50  ? 17  G   A C4    1 
ATOM   363 P P     . A   A 1 18 ? -17.970 20.098  6.113   1.00 105.89 ? 18  A   A P     1 
ATOM   364 O OP1   . A   A 1 18 ? -18.550 21.383  6.594   1.00 103.83 ? 18  A   A OP1   1 
ATOM   365 O OP2   . A   A 1 18 ? -18.412 18.794  6.673   1.00 71.11  ? 18  A   A OP2   1 
ATOM   366 O "O5'" . A   A 1 18 ? -18.219 20.018  4.549   1.00 96.07  ? 18  A   A "O5'" 1 
ATOM   367 C "C5'" . A   A 1 18 ? -19.485 19.595  4.027   1.00 85.92  ? 18  A   A "C5'" 1 
ATOM   368 C "C4'" . A   A 1 18 ? -19.661 20.270  2.699   1.00 88.92  ? 18  A   A "C4'" 1 
ATOM   369 O "O4'" . A   A 1 18 ? -19.597 21.698  2.922   1.00 94.43  ? 18  A   A "O4'" 1 
ATOM   370 C "C3'" . A   A 1 18 ? -18.551 19.956  1.703   1.00 97.21  ? 18  A   A "C3'" 1 
ATOM   371 O "O3'" . A   A 1 18 ? -18.956 18.875  0.883   1.00 96.15  ? 18  A   A "O3'" 1 
ATOM   372 C "C2'" . A   A 1 18 ? -18.354 21.257  0.931   1.00 92.32  ? 18  A   A "C2'" 1 
ATOM   373 O "O2'" . A   A 1 18 ? -19.083 21.357  -0.265  1.00 89.04  ? 18  A   A "O2'" 1 
ATOM   374 C "C1'" . A   A 1 18 ? -18.796 22.311  1.937   1.00 80.57  ? 18  A   A "C1'" 1 
ATOM   375 N N9    . A   A 1 18 ? -17.724 23.037  2.607   1.00 71.58  ? 18  A   A N9    1 
ATOM   376 C C8    . A   A 1 18 ? -17.370 23.016  3.932   1.00 74.48  ? 18  A   A C8    1 
ATOM   377 N N7    . A   A 1 18 ? -16.403 23.849  4.233   1.00 79.39  ? 18  A   A N7    1 
ATOM   378 C C5    . A   A 1 18 ? -16.093 24.451  3.021   1.00 62.36  ? 18  A   A C5    1 
ATOM   379 C C6    . A   A 1 18 ? -15.160 25.438  2.667   1.00 68.61  ? 18  A   A C6    1 
ATOM   380 N N6    . A   A 1 18 ? -14.324 26.009  3.535   1.00 81.81  ? 18  A   A N6    1 
ATOM   381 N N1    . A   A 1 18 ? -15.085 25.799  1.368   1.00 66.36  ? 18  A   A N1    1 
ATOM   382 C C2    . A   A 1 18 ? -15.935 25.236  0.501   1.00 82.35  ? 18  A   A C2    1 
ATOM   383 N N3    . A   A 1 18 ? -16.869 24.309  0.717   1.00 84.75  ? 18  A   A N3    1 
ATOM   384 C C4    . A   A 1 18 ? -16.897 23.957  2.012   1.00 67.75  ? 18  A   A C4    1 
ATOM   385 P P     . A   A 1 19 ? -17.878 17.815  0.419   1.00 100.66 ? 19  A   A P     1 
ATOM   386 O OP1   . A   A 1 19 ? -18.585 16.856  -0.461  1.00 92.61  ? 19  A   A OP1   1 
ATOM   387 O OP2   . A   A 1 19 ? -17.180 17.284  1.637   1.00 79.71  ? 19  A   A OP2   1 
ATOM   388 O "O5'" . A   A 1 19 ? -16.971 18.692  -0.556  1.00 76.44  ? 19  A   A "O5'" 1 
ATOM   389 C "C5'" . A   A 1 19 ? -17.413 18.786  -1.922  1.00 85.82  ? 19  A   A "C5'" 1 
ATOM   390 C "C4'" . A   A 1 19 ? -16.725 19.900  -2.652  1.00 84.25  ? 19  A   A "C4'" 1 
ATOM   391 O "O4'" . A   A 1 19 ? -16.697 21.071  -1.811  1.00 84.32  ? 19  A   A "O4'" 1 
ATOM   392 C "C3'" . A   A 1 19 ? -15.272 19.644  -3.014  1.00 83.83  ? 19  A   A "C3'" 1 
ATOM   393 O "O3'" . A   A 1 19 ? -15.295 18.941  -4.241  1.00 94.34  ? 19  A   A "O3'" 1 
ATOM   394 C "C2'" . A   A 1 19 ? -14.722 21.059  -3.098  1.00 77.58  ? 19  A   A "C2'" 1 
ATOM   395 O "O2'" . A   A 1 19 ? -15.080 21.758  -4.280  1.00 77.47  ? 19  A   A "O2'" 1 
ATOM   396 C "C1'" . A   A 1 19 ? -15.445 21.715  -1.931  1.00 69.69  ? 19  A   A "C1'" 1 
ATOM   397 N N9    . A   A 1 19 ? -14.802 21.648  -0.626  1.00 67.30  ? 19  A   A N9    1 
ATOM   398 C C8    . A   A 1 19 ? -15.051 20.772  0.405   1.00 68.91  ? 19  A   A C8    1 
ATOM   399 N N7    . A   A 1 19 ? -14.380 21.038  1.499   1.00 60.13  ? 19  A   A N7    1 
ATOM   400 C C5    . A   A 1 19 ? -13.659 22.176  1.175   1.00 63.79  ? 19  A   A C5    1 
ATOM   401 C C6    . A   A 1 19 ? -12.761 22.961  1.910   1.00 72.02  ? 19  A   A C6    1 
ATOM   402 N N6    . A   A 1 19 ? -12.412 22.690  3.168   1.00 68.80  ? 19  A   A N6    1 
ATOM   403 N N1    . A   A 1 19 ? -12.208 24.034  1.294   1.00 67.57  ? 19  A   A N1    1 
ATOM   404 C C2    . A   A 1 19 ? -12.553 24.293  0.024   1.00 63.94  ? 19  A   A C2    1 
ATOM   405 N N3    . A   A 1 19 ? -13.397 23.631  -0.769  1.00 66.93  ? 19  A   A N3    1 
ATOM   406 C C4    . A   A 1 19 ? -13.920 22.572  -0.126  1.00 64.74  ? 19  A   A C4    1 
ATOM   407 P P     . A   A 1 20 ? -14.056 18.024  -4.662  1.00 103.59 ? 20  A   A P     1 
ATOM   408 O OP1   . A   A 1 20 ? -14.296 17.582  -6.062  1.00 94.35  ? 20  A   A OP1   1 
ATOM   409 O OP2   . A   A 1 20 ? -13.847 16.988  -3.584  1.00 81.10  ? 20  A   A OP2   1 
ATOM   410 O "O5'" . A   A 1 20 ? -12.852 19.074  -4.682  1.00 92.68  ? 20  A   A "O5'" 1 
ATOM   411 C "C5'" . A   A 1 20 ? -12.544 19.907  -5.833  1.00 92.87  ? 20  A   A "C5'" 1 
ATOM   412 C "C4'" . A   A 1 20 ? -11.393 20.858  -5.541  1.00 87.86  ? 20  A   A "C4'" 1 
ATOM   413 O "O4'" . A   A 1 20 ? -11.739 21.653  -4.374  1.00 84.87  ? 20  A   A "O4'" 1 
ATOM   414 C "C3'" . A   A 1 20 ? -10.024 20.252  -5.202  1.00 90.37  ? 20  A   A "C3'" 1 
ATOM   415 O "O3'" . A   A 1 20 ? -9.140  19.977  -6.288  1.00 101.27 ? 20  A   A "O3'" 1 
ATOM   416 C "C2'" . A   A 1 20 ? -9.393  21.350  -4.358  1.00 84.50  ? 20  A   A "C2'" 1 
ATOM   417 O "O2'" . A   A 1 20 ? -8.775  22.409  -5.081  1.00 79.69  ? 20  A   A "O2'" 1 
ATOM   418 C "C1'" . A   A 1 20 ? -10.600 21.807  -3.542  1.00 78.40  ? 20  A   A "C1'" 1 
ATOM   419 N N9    . A   A 1 20 ? -10.802 21.028  -2.321  1.00 69.58  ? 20  A   A N9    1 
ATOM   420 C C8    . A   A 1 20 ? -11.426 19.815  -2.167  1.00 74.45  ? 20  A   A C8    1 
ATOM   421 N N7    . A   A 1 20 ? -11.453 19.387  -0.929  1.00 77.36  ? 20  A   A N7    1 
ATOM   422 C C5    . A   A 1 20 ? -10.790 20.379  -0.221  1.00 69.24  ? 20  A   A C5    1 
ATOM   423 C C6    . A   A 1 20 ? -10.480 20.516  1.138   1.00 67.10  ? 20  A   A C6    1 
ATOM   424 N N6    . A   A 1 20 ? -10.808 19.614  2.062   1.00 83.24  ? 20  A   A N6    1 
ATOM   425 N N1    . A   A 1 20 ? -9.830  21.634  1.526   1.00 65.87  ? 20  A   A N1    1 
ATOM   426 C C2    . A   A 1 20 ? -9.504  22.543  0.594   1.00 70.29  ? 20  A   A C2    1 
ATOM   427 N N3    . A   A 1 20 ? -9.750  22.530  -0.715  1.00 64.60  ? 20  A   A N3    1 
ATOM   428 C C4    . A   A 1 20 ? -10.392 21.400  -1.064  1.00 69.61  ? 20  A   A C4    1 
ATOM   429 P P     . G   A 1 21 ? -8.307  18.575  -6.376  1.00 101.51 ? 21  G   A P     1 
ATOM   430 O OP1   . G   A 1 21 ? -7.275  18.749  -7.422  1.00 86.57  ? 21  G   A OP1   1 
ATOM   431 O OP2   . G   A 1 21 ? -9.260  17.436  -6.390  1.00 81.88  ? 21  G   A OP2   1 
ATOM   432 O "O5'" . G   A 1 21 ? -7.589  18.421  -4.968  1.00 96.83  ? 21  G   A "O5'" 1 
ATOM   433 C "C5'" . G   A 1 21 ? -6.508  19.291  -4.646  1.00 98.76  ? 21  G   A "C5'" 1 
ATOM   434 C "C4'" . G   A 1 21 ? -6.342  19.321  -3.161  1.00 91.07  ? 21  G   A "C4'" 1 
ATOM   435 O "O4'" . G   A 1 21 ? -7.643  19.335  -2.524  1.00 89.00  ? 21  G   A "O4'" 1 
ATOM   436 C "C3'" . G   A 1 21 ? -5.713  18.086  -2.573  1.00 89.20  ? 21  G   A "C3'" 1 
ATOM   437 O "O3'" . G   A 1 21 ? -4.313  18.051  -2.824  1.00 102.79 ? 21  G   A "O3'" 1 
ATOM   438 C "C2'" . G   A 1 21 ? -6.107  18.225  -1.113  1.00 85.84  ? 21  G   A "C2'" 1 
ATOM   439 O "O2'" . G   A 1 21 ? -5.307  19.145  -0.389  1.00 89.37  ? 21  G   A "O2'" 1 
ATOM   440 C "C1'" . G   A 1 21 ? -7.534  18.752  -1.246  1.00 81.99  ? 21  G   A "C1'" 1 
ATOM   441 N N9    . G   A 1 21 ? -8.532  17.702  -1.129  1.00 75.77  ? 21  G   A N9    1 
ATOM   442 C C8    . G   A 1 21 ? -9.277  17.123  -2.126  1.00 83.30  ? 21  G   A C8    1 
ATOM   443 N N7    . G   A 1 21 ? -10.104 16.215  -1.684  1.00 80.83  ? 21  G   A N7    1 
ATOM   444 C C5    . G   A 1 21 ? -9.886  16.192  -0.315  1.00 68.46  ? 21  G   A C5    1 
ATOM   445 C C6    . G   A 1 21 ? -10.496 15.415  0.697   1.00 74.13  ? 21  G   A C6    1 
ATOM   446 O O6    . G   A 1 21 ? -11.374 14.557  0.584   1.00 88.29  ? 21  G   A O6    1 
ATOM   447 N N1    . G   A 1 21 ? -9.987  15.720  1.953   1.00 78.23  ? 21  G   A N1    1 
ATOM   448 C C2    . G   A 1 21 ? -9.029  16.670  2.206   1.00 80.07  ? 21  G   A C2    1 
ATOM   449 N N2    . G   A 1 21 ? -8.668  16.820  3.487   1.00 80.37  ? 21  G   A N2    1 
ATOM   450 N N3    . G   A 1 21 ? -8.457  17.408  1.271   1.00 76.32  ? 21  G   A N3    1 
ATOM   451 C C4    . G   A 1 21 ? -8.923  17.109  0.042   1.00 69.34  ? 21  G   A C4    1 
HETATM 452 C "C1'" . TG  A 1 22 ? -4.555  15.131  1.320   1.00 90.28  ? 22  TG  A "C1'" 1 
HETATM 453 C C2    . TG  A 1 22 ? -7.379  12.753  3.726   1.00 88.95  ? 22  TG  A C2    1 
HETATM 454 C "C2'" . TG  A 1 22 ? -3.323  14.621  0.597   1.00 99.97  ? 22  TG  A "C2'" 1 
HETATM 455 C "C3'" . TG  A 1 22 ? -2.976  15.692  -0.456  1.00 93.27  ? 22  TG  A "C3'" 1 
HETATM 456 C C4    . TG  A 1 22 ? -6.591  13.746  1.767   1.00 83.83  ? 22  TG  A C4    1 
HETATM 457 C "C4'" . TG  A 1 22 ? -3.370  16.944  0.335   1.00 91.08  ? 22  TG  A "C4'" 1 
HETATM 458 C C5    . TG  A 1 22 ? -7.672  13.277  1.093   1.00 81.17  ? 22  TG  A C5    1 
HETATM 459 C C6    . TG  A 1 22 ? -8.624  12.522  1.706   1.00 84.37  ? 22  TG  A C6    1 
HETATM 460 C C8    . TG  A 1 22 ? -6.407  14.405  -0.262  1.00 88.77  ? 22  TG  A C8    1 
HETATM 461 N N1    . TG  A 1 22 ? -8.492  12.245  3.064   1.00 82.29  ? 22  TG  A N1    1 
HETATM 462 N N2    . TG  A 1 22 ? -7.258  12.458  5.008   1.00 99.18  ? 22  TG  A N2    1 
HETATM 463 N N3    . TG  A 1 22 ? -6.444  13.493  3.079   1.00 86.48  ? 22  TG  A N3    1 
HETATM 464 N N7    . TG  A 1 22 ? -7.547  13.706  -0.164  1.00 87.86  ? 22  TG  A N7    1 
HETATM 465 N N9    . TG  A 1 22 ? -5.810  14.429  0.929   1.00 83.59  ? 22  TG  A N9    1 
HETATM 466 O O1P   . TG  A 1 22 ? -2.094  16.901  -2.942  1.00 88.34  ? 22  TG  A O1P   1 
HETATM 467 O "O2'" . TG  A 1 22 ? -2.297  14.592  1.629   1.00 115.65 ? 22  TG  A "O2'" 1 
HETATM 468 O O2P   . TG  A 1 22 ? -4.166  15.907  -4.163  1.00 80.83  ? 22  TG  A O2P   1 
HETATM 469 O "O3'" . TG  A 1 22 ? -3.711  15.551  -1.702  1.00 79.89  ? 22  TG  A "O3'" 1 
HETATM 470 O "O4'" . TG  A 1 22 ? -4.594  16.571  1.019   1.00 90.37  ? 22  TG  A "O4'" 1 
HETATM 471 O O6    . TG  A 1 22 ? -9.629  12.063  1.140   1.00 80.83  ? 22  TG  A O6    1 
HETATM 472 P P     . TG  A 1 22 ? -3.559  16.618  -2.967  1.00 101.41 ? 22  TG  A P     1 
ATOM   473 O "O5'" . C   B 2 1  ? -0.264  7.372   6.234   1.00 125.85 ? 1   C   B "O5'" 1 
ATOM   474 C "C5'" . C   B 2 1  ? -0.463  6.796   7.546   1.00 120.21 ? 1   C   B "C5'" 1 
ATOM   475 C "C4'" . C   B 2 1  ? -1.773  6.032   7.614   1.00 113.21 ? 1   C   B "C4'" 1 
ATOM   476 O "O4'" . C   B 2 1  ? -2.819  6.722   6.878   1.00 97.25  ? 1   C   B "O4'" 1 
ATOM   477 C "C3'" . C   B 2 1  ? -1.773  4.669   6.954   1.00 107.42 ? 1   C   B "C3'" 1 
ATOM   478 O "O3'" . C   B 2 1  ? -1.045  3.688   7.679   1.00 100.98 ? 1   C   B "O3'" 1 
ATOM   479 C "C2'" . C   B 2 1  ? -3.263  4.387   6.805   1.00 94.92  ? 1   C   B "C2'" 1 
ATOM   480 O "O2'" . C   B 2 1  ? -3.793  3.837   7.995   1.00 92.27  ? 1   C   B "O2'" 1 
ATOM   481 C "C1'" . C   B 2 1  ? -3.802  5.781   6.470   1.00 85.92  ? 1   C   B "C1'" 1 
ATOM   482 N N1    . C   B 2 1  ? -4.157  6.042   5.056   1.00 79.88  ? 1   C   B N1    1 
ATOM   483 C C2    . C   B 2 1  ? -5.269  5.387   4.512   1.00 82.88  ? 1   C   B C2    1 
ATOM   484 O O2    . C   B 2 1  ? -5.874  4.554   5.208   1.00 85.39  ? 1   C   B O2    1 
ATOM   485 N N3    . C   B 2 1  ? -5.655  5.675   3.241   1.00 76.65  ? 1   C   B N3    1 
ATOM   486 C C4    . C   B 2 1  ? -4.980  6.585   2.530   1.00 73.41  ? 1   C   B C4    1 
ATOM   487 N N4    . C   B 2 1  ? -5.373  6.823   1.273   1.00 75.56  ? 1   C   B N4    1 
ATOM   488 C C5    . C   B 2 1  ? -3.858  7.281   3.069   1.00 65.60  ? 1   C   B C5    1 
ATOM   489 C C6    . C   B 2 1  ? -3.492  6.990   4.327   1.00 73.22  ? 1   C   B C6    1 
ATOM   490 P P     . U   B 2 2  ? -0.138  2.660   6.857   1.00 110.59 ? 2   U   B P     1 
ATOM   491 O OP1   . U   B 2 2  ? 0.651   1.848   7.828   1.00 100.09 ? 2   U   B OP1   1 
ATOM   492 O OP2   . U   B 2 2  ? 0.540   3.408   5.741   1.00 80.44  ? 2   U   B OP2   1 
ATOM   493 O "O5'" . U   B 2 2  ? -1.216  1.702   6.182   1.00 102.07 ? 2   U   B "O5'" 1 
ATOM   494 C "C5'" . U   B 2 2  ? -1.834  0.615   6.908   1.00 94.56  ? 2   U   B "C5'" 1 
ATOM   495 C "C4'" . U   B 2 2  ? -2.965  0.069   6.080   1.00 88.55  ? 2   U   B "C4'" 1 
ATOM   496 O "O4'" . U   B 2 2  ? -3.646  1.194   5.465   1.00 88.58  ? 2   U   B "O4'" 1 
ATOM   497 C "C3'" . U   B 2 2  ? -2.560  -0.758  4.876   1.00 99.24  ? 2   U   B "C3'" 1 
ATOM   498 O "O3'" . U   B 2 2  ? -2.124  -2.103  5.163   1.00 95.32  ? 2   U   B "O3'" 1 
ATOM   499 C "C2'" . U   B 2 2  ? -3.807  -0.656  3.998   1.00 97.56  ? 2   U   B "C2'" 1 
ATOM   500 O "O2'" . U   B 2 2  ? -4.749  -1.615  4.435   1.00 88.93  ? 2   U   B "O2'" 1 
ATOM   501 C "C1'" . U   B 2 2  ? -4.296  0.777   4.279   1.00 80.07  ? 2   U   B "C1'" 1 
ATOM   502 N N1    . U   B 2 2  ? -4.059  1.782   3.219   1.00 73.77  ? 2   U   B N1    1 
ATOM   503 C C2    . U   B 2 2  ? -4.969  1.852   2.173   1.00 78.54  ? 2   U   B C2    1 
ATOM   504 O O2    . U   B 2 2  ? -5.945  1.132   2.097   1.00 88.51  ? 2   U   B O2    1 
ATOM   505 N N3    . U   B 2 2  ? -4.686  2.797   1.215   1.00 78.77  ? 2   U   B N3    1 
ATOM   506 C C4    . U   B 2 2  ? -3.614  3.671   1.190   1.00 81.94  ? 2   U   B C4    1 
ATOM   507 O O4    . U   B 2 2  ? -3.487  4.455   0.242   1.00 73.27  ? 2   U   B O4    1 
ATOM   508 C C5    . U   B 2 2  ? -2.722  3.547   2.307   1.00 75.15  ? 2   U   B C5    1 
ATOM   509 C C6    . U   B 2 2  ? -2.970  2.632   3.262   1.00 80.30  ? 2   U   B C6    1 
ATOM   510 P P     . A   B 2 3  ? -0.991  -2.773  4.226   1.00 99.60  ? 3   A   B P     1 
ATOM   511 O OP1   . A   B 2 3  ? 0.180   -3.146  5.047   1.00 87.71  ? 3   A   B OP1   1 
ATOM   512 O OP2   . A   B 2 3  ? -0.812  -1.920  3.023   1.00 97.08  ? 3   A   B OP2   1 
ATOM   513 O "O5'" . A   B 2 3  ? -1.662  -4.109  3.696   1.00 104.01 ? 3   A   B "O5'" 1 
ATOM   514 C "C5'" . A   B 2 3  ? -1.014  -4.832  2.627   1.00 102.72 ? 3   A   B "C5'" 1 
ATOM   515 C "C4'" . A   B 2 3  ? -1.975  -5.062  1.486   1.00 93.31  ? 3   A   B "C4'" 1 
ATOM   516 O "O4'" . A   B 2 3  ? -2.129  -3.858  0.675   1.00 81.67  ? 3   A   B "O4'" 1 
ATOM   517 C "C3'" . A   B 2 3  ? -1.563  -6.168  0.508   1.00 93.39  ? 3   A   B "C3'" 1 
ATOM   518 O "O3'" . A   B 2 3  ? -2.751  -6.930  0.288   1.00 94.35  ? 3   A   B "O3'" 1 
ATOM   519 C "C2'" . A   B 2 3  ? -1.073  -5.367  -0.700  1.00 88.54  ? 3   A   B "C2'" 1 
ATOM   520 O "O2'" . A   B 2 3  ? -1.115  -5.966  -1.979  1.00 96.51  ? 3   A   B "O2'" 1 
ATOM   521 C "C1'" . A   B 2 3  ? -2.078  -4.231  -0.685  1.00 80.61  ? 3   A   B "C1'" 1 
ATOM   522 N N9    . A   B 2 3  ? -1.741  -3.081  -1.521  1.00 75.43  ? 3   A   B N9    1 
ATOM   523 C C8    . A   B 2 3  ? -0.833  -2.075  -1.297  1.00 82.64  ? 3   A   B C8    1 
ATOM   524 N N7    . A   B 2 3  ? -0.782  -1.187  -2.262  1.00 84.32  ? 3   A   B N7    1 
ATOM   525 C C5    . A   B 2 3  ? -1.710  -1.644  -3.188  1.00 76.01  ? 3   A   B C5    1 
ATOM   526 C C6    . A   B 2 3  ? -2.123  -1.154  -4.445  1.00 72.42  ? 3   A   B C6    1 
ATOM   527 N N6    . A   B 2 3  ? -1.646  -0.042  -5.005  1.00 76.57  ? 3   A   B N6    1 
ATOM   528 N N1    . A   B 2 3  ? -3.060  -1.857  -5.115  1.00 69.63  ? 3   A   B N1    1 
ATOM   529 C C2    . A   B 2 3  ? -3.542  -2.972  -4.556  1.00 80.46  ? 3   A   B C2    1 
ATOM   530 N N3    . A   B 2 3  ? -3.234  -3.533  -3.387  1.00 78.23  ? 3   A   B N3    1 
ATOM   531 C C4    . A   B 2 3  ? -2.308  -2.809  -2.742  1.00 70.59  ? 3   A   B C4    1 
ATOM   532 P P     . U   B 2 4  ? -2.709  -8.463  -0.190  1.00 91.52  ? 4   U   B P     1 
ATOM   533 O OP1   . U   B 2 4  ? -3.293  -9.290  0.881   1.00 90.39  ? 4   U   B OP1   1 
ATOM   534 O OP2   . U   B 2 4  ? -1.347  -8.784  -0.699  1.00 94.71  ? 4   U   B OP2   1 
ATOM   535 O "O5'" . U   B 2 4  ? -3.722  -8.431  -1.413  1.00 80.59  ? 4   U   B "O5'" 1 
ATOM   536 C "C5'" . U   B 2 4  ? -3.797  -9.509  -2.341  1.00 78.48  ? 4   U   B "C5'" 1 
ATOM   537 C "C4'" . U   B 2 4  ? -4.584  -9.070  -3.546  1.00 81.39  ? 4   U   B "C4'" 1 
ATOM   538 O "O4'" . U   B 2 4  ? -5.794  -8.393  -3.107  1.00 86.00  ? 4   U   B "O4'" 1 
ATOM   539 C "C3'" . U   B 2 4  ? -3.892  -8.092  -4.482  1.00 84.93  ? 4   U   B "C3'" 1 
ATOM   540 O "O3'" . U   B 2 4  ? -3.157  -8.783  -5.498  1.00 84.77  ? 4   U   B "O3'" 1 
ATOM   541 C "C2'" . U   B 2 4  ? -5.078  -7.390  -5.136  1.00 86.31  ? 4   U   B "C2'" 1 
ATOM   542 O "O2'" . U   B 2 4  ? -5.634  -8.117  -6.208  1.00 90.36  ? 4   U   B "O2'" 1 
ATOM   543 C "C1'" . U   B 2 4  ? -6.098  -7.323  -3.991  1.00 88.64  ? 4   U   B "C1'" 1 
ATOM   544 N N1    . U   B 2 4  ? -6.030  -6.046  -3.256  1.00 85.61  ? 4   U   B N1    1 
ATOM   545 C C2    . U   B 2 4  ? -6.418  -4.899  -3.927  1.00 83.65  ? 4   U   B C2    1 
ATOM   546 O O2    . U   B 2 4  ? -6.842  -4.910  -5.069  1.00 83.13  ? 4   U   B O2    1 
ATOM   547 N N3    . U   B 2 4  ? -6.278  -3.735  -3.212  1.00 82.84  ? 4   U   B N3    1 
ATOM   548 C C4    . U   B 2 4  ? -5.805  -3.601  -1.923  1.00 86.43  ? 4   U   B C4    1 
ATOM   549 O O4    . U   B 2 4  ? -5.713  -2.478  -1.425  1.00 88.85  ? 4   U   B O4    1 
ATOM   550 C C5    . U   B 2 4  ? -5.438  -4.830  -1.293  1.00 81.35  ? 4   U   B C5    1 
ATOM   551 C C6    . U   B 2 4  ? -5.544  -5.980  -1.968  1.00 83.33  ? 4   U   B C6    1 
ATOM   552 P P     . G   B 2 5  ? -1.553  -8.863  -5.482  1.00 91.61  ? 5   G   B P     1 
ATOM   553 O OP1   . G   B 2 5  ? -1.155  -9.988  -6.339  1.00 105.46 ? 5   G   B OP1   1 
ATOM   554 O OP2   . G   B 2 5  ? -1.061  -8.784  -4.077  1.00 92.97  ? 5   G   B OP2   1 
ATOM   555 O "O5'" . G   B 2 5  ? -1.101  -7.565  -6.286  1.00 94.97  ? 5   G   B "O5'" 1 
ATOM   556 C "C5'" . G   B 2 5  ? -1.997  -6.911  -7.209  1.00 89.20  ? 5   G   B "C5'" 1 
ATOM   557 C "C4'" . G   B 2 5  ? -1.282  -5.841  -8.012  1.00 82.71  ? 5   G   B "C4'" 1 
ATOM   558 O "O4'" . G   B 2 5  ? -1.503  -4.527  -7.429  1.00 81.52  ? 5   G   B "O4'" 1 
ATOM   559 C "C3'" . G   B 2 5  ? 0.223   -5.985  -8.135  1.00 82.58  ? 5   G   B "C3'" 1 
ATOM   560 O "O3'" . G   B 2 5  ? 0.447   -6.801  -9.271  1.00 89.59  ? 5   G   B "O3'" 1 
ATOM   561 C "C2'" . G   B 2 5  ? 0.678   -4.536  -8.279  1.00 88.32  ? 5   G   B "C2'" 1 
ATOM   562 O "O2'" . G   B 2 5  ? 0.633   -3.989  -9.589  1.00 89.58  ? 5   G   B "O2'" 1 
ATOM   563 C "C1'" . G   B 2 5  ? -0.276  -3.838  -7.315  1.00 77.34  ? 5   G   B "C1'" 1 
ATOM   564 N N9    . G   B 2 5  ? 0.171   -3.907  -5.925  1.00 75.83  ? 5   G   B N9    1 
ATOM   565 C C8    . G   B 2 5  ? -0.313  -4.720  -4.928  1.00 79.22  ? 5   G   B C8    1 
ATOM   566 N N7    . G   B 2 5  ? 0.279   -4.532  -3.782  1.00 72.77  ? 5   G   B N7    1 
ATOM   567 C C5    . G   B 2 5  ? 1.227   -3.555  -4.041  1.00 65.40  ? 5   G   B C5    1 
ATOM   568 C C6    . G   B 2 5  ? 2.174   -2.953  -3.184  1.00 74.64  ? 5   G   B C6    1 
ATOM   569 O O6    . G   B 2 5  ? 2.380   -3.182  -1.988  1.00 73.61  ? 5   G   B O6    1 
ATOM   570 N N1    . G   B 2 5  ? 2.933   -1.992  -3.850  1.00 74.82  ? 5   G   B N1    1 
ATOM   571 C C2    . G   B 2 5  ? 2.782   -1.647  -5.169  1.00 74.67  ? 5   G   B C2    1 
ATOM   572 N N2    . G   B 2 5  ? 3.609   -0.700  -5.633  1.00 77.67  ? 5   G   B N2    1 
ATOM   573 N N3    . G   B 2 5  ? 1.896   -2.202  -5.979  1.00 72.84  ? 5   G   B N3    1 
ATOM   574 C C4    . G   B 2 5  ? 1.164   -3.146  -5.355  1.00 67.45  ? 5   G   B C4    1 
ATOM   575 P P     . C   B 2 6  ? 1.888   -7.403  -9.563  1.00 92.51  ? 6   C   B P     1 
ATOM   576 O OP1   . C   B 2 6  ? 1.922   -7.833  -10.992 1.00 79.73  ? 6   C   B OP1   1 
ATOM   577 O OP2   . C   B 2 6  ? 2.253   -8.296  -8.435  1.00 67.16  ? 6   C   B OP2   1 
ATOM   578 O "O5'" . C   B 2 6  ? 2.842   -6.143  -9.473  1.00 76.92  ? 6   C   B "O5'" 1 
ATOM   579 C "C5'" . C   B 2 6  ? 4.157   -6.339  -9.026  1.00 76.75  ? 6   C   B "C5'" 1 
ATOM   580 C "C4'" . C   B 2 6  ? 4.846   -5.021  -8.996  1.00 75.54  ? 6   C   B "C4'" 1 
ATOM   581 O "O4'" . C   B 2 6  ? 4.199   -4.194  -8.003  1.00 79.16  ? 6   C   B "O4'" 1 
ATOM   582 C "C3'" . C   B 2 6  ? 6.283   -5.119  -8.544  1.00 78.79  ? 6   C   B "C3'" 1 
ATOM   583 O "O3'" . C   B 2 6  ? 7.003   -5.519  -9.691  1.00 83.23  ? 6   C   B "O3'" 1 
ATOM   584 C "C2'" . C   B 2 6  ? 6.507   -3.762  -7.903  1.00 78.23  ? 6   C   B "C2'" 1 
ATOM   585 O "O2'" . C   B 2 6  ? 6.687   -2.675  -8.791  1.00 81.08  ? 6   C   B "O2'" 1 
ATOM   586 C "C1'" . C   B 2 6  ? 5.177   -3.591  -7.181  1.00 72.80  ? 6   C   B "C1'" 1 
ATOM   587 N N1    . C   B 2 6  ? 5.104   -4.205  -5.850  1.00 63.07  ? 6   C   B N1    1 
ATOM   588 C C2    . C   B 2 6  ? 5.751   -3.554  -4.803  1.00 64.96  ? 6   C   B C2    1 
ATOM   589 O O2    . C   B 2 6  ? 6.420   -2.544  -5.054  1.00 77.43  ? 6   C   B O2    1 
ATOM   590 N N3    . C   B 2 6  ? 5.656   -4.055  -3.549  1.00 67.29  ? 6   C   B N3    1 
ATOM   591 C C4    . C   B 2 6  ? 4.880   -5.117  -3.315  1.00 69.69  ? 6   C   B C4    1 
ATOM   592 N N4    . C   B 2 6  ? 4.813   -5.578  -2.069  1.00 74.49  ? 6   C   B N4    1 
ATOM   593 C C5    . C   B 2 6  ? 4.158   -5.767  -4.360  1.00 61.14  ? 6   C   B C5    1 
ATOM   594 C C6    . C   B 2 6  ? 4.293   -5.279  -5.600  1.00 64.30  ? 6   C   B C6    1 
ATOM   595 P P     . C   B 2 7  ? 8.212   -6.527  -9.522  1.00 84.33  ? 7   C   B P     1 
ATOM   596 O OP1   . C   B 2 7  ? 8.854   -6.659  -10.854 1.00 89.79  ? 7   C   B OP1   1 
ATOM   597 O OP2   . C   B 2 7  ? 7.749   -7.720  -8.778  1.00 73.99  ? 7   C   B OP2   1 
ATOM   598 O "O5'" . C   B 2 7  ? 9.172   -5.713  -8.555  1.00 77.96  ? 7   C   B "O5'" 1 
ATOM   599 C "C5'" . C   B 2 7  ? 9.793   -4.526  -9.077  1.00 79.53  ? 7   C   B "C5'" 1 
ATOM   600 C "C4'" . C   B 2 7  ? 10.773  -3.978  -8.086  1.00 82.07  ? 7   C   B "C4'" 1 
ATOM   601 O "O4'" . C   B 2 7  ? 10.040  -3.534  -6.923  1.00 82.70  ? 7   C   B "O4'" 1 
ATOM   602 C "C3'" . C   B 2 7  ? 11.778  -4.961  -7.510  1.00 87.72  ? 7   C   B "C3'" 1 
ATOM   603 O "O3'" . C   B 2 7  ? 12.835  -5.235  -8.425  1.00 91.68  ? 7   C   B "O3'" 1 
ATOM   604 C "C2'" . C   B 2 7  ? 12.178  -4.253  -6.222  1.00 83.31  ? 7   C   B "C2'" 1 
ATOM   605 O "O2'" . C   B 2 7  ? 13.062  -3.169  -6.416  1.00 87.09  ? 7   C   B "O2'" 1 
ATOM   606 C "C1'" . C   B 2 7  ? 10.832  -3.711  -5.758  1.00 77.15  ? 7   C   B "C1'" 1 
ATOM   607 N N1    . C   B 2 7  ? 10.087  -4.575  -4.819  1.00 71.05  ? 7   C   B N1    1 
ATOM   608 C C2    . C   B 2 7  ? 10.465  -4.599  -3.468  1.00 74.17  ? 7   C   B C2    1 
ATOM   609 O O2    . C   B 2 7  ? 11.460  -3.947  -3.111  1.00 80.53  ? 7   C   B O2    1 
ATOM   610 N N3    . C   B 2 7  ? 9.764   -5.368  -2.598  1.00 64.48  ? 7   C   B N3    1 
ATOM   611 C C4    . C   B 2 7  ? 8.700   -6.055  -3.025  1.00 70.82  ? 7   C   B C4    1 
ATOM   612 N N4    . C   B 2 7  ? 8.033   -6.797  -2.139  1.00 78.18  ? 7   C   B N4    1 
ATOM   613 C C5    . C   B 2 7  ? 8.282   -6.028  -4.388  1.00 69.92  ? 7   C   B C5    1 
ATOM   614 C C6    . C   B 2 7  ? 9.004   -5.295  -5.244  1.00 63.49  ? 7   C   B C6    1 
ATOM   615 P P     . U   B 2 8  ? 13.897  -6.389  -8.095  1.00 102.43 ? 8   U   B P     1 
ATOM   616 O OP1   . U   B 2 8  ? 14.845  -6.449  -9.239  1.00 89.14  ? 8   U   B OP1   1 
ATOM   617 O OP2   . U   B 2 8  ? 13.145  -7.614  -7.693  1.00 87.52  ? 8   U   B OP2   1 
ATOM   618 O "O5'" . U   B 2 8  ? 14.632  -5.807  -6.800  1.00 105.19 ? 8   U   B "O5'" 1 
ATOM   619 C "C5'" . U   B 2 8  ? 15.854  -6.350  -6.277  1.00 100.72 ? 8   U   B "C5'" 1 
ATOM   620 C "C4'" . U   B 2 8  ? 16.028  -5.962  -4.827  1.00 105.03 ? 8   U   B "C4'" 1 
ATOM   621 O "O4'" . U   B 2 8  ? 14.784  -5.447  -4.259  1.00 101.10 ? 8   U   B "O4'" 1 
ATOM   622 C "C3'" . U   B 2 8  ? 16.391  -7.106  -3.898  1.00 116.48 ? 8   U   B "C3'" 1 
ATOM   623 O "O3'" . U   B 2 8  ? 17.767  -7.437  -4.021  1.00 120.21 ? 8   U   B "O3'" 1 
ATOM   624 C "C2'" . U   B 2 8  ? 15.993  -6.531  -2.546  1.00 109.39 ? 8   U   B "C2'" 1 
ATOM   625 O "O2'" . U   B 2 8  ? 16.926  -5.600  -2.039  1.00 120.41 ? 8   U   B "O2'" 1 
ATOM   626 C "C1'" . U   B 2 8  ? 14.662  -5.866  -2.899  1.00 95.15  ? 8   U   B "C1'" 1 
ATOM   627 N N1    . U   B 2 8  ? 13.499  -6.768  -2.768  1.00 95.27  ? 8   U   B N1    1 
ATOM   628 C C2    . U   B 2 8  ? 13.131  -7.175  -1.492  1.00 95.94  ? 8   U   B C2    1 
ATOM   629 O O2    . U   B 2 8  ? 13.719  -6.820  -0.484  1.00 105.60 ? 8   U   B O2    1 
ATOM   630 N N3    . U   B 2 8  ? 12.053  -8.027  -1.446  1.00 92.80  ? 8   U   B N3    1 
ATOM   631 C C4    . U   B 2 8  ? 11.313  -8.505  -2.513  1.00 92.76  ? 8   U   B C4    1 
ATOM   632 O O4    . U   B 2 8  ? 10.359  -9.262  -2.304  1.00 93.31  ? 8   U   B O4    1 
ATOM   633 C C5    . U   B 2 8  ? 11.753  -8.041  -3.796  1.00 87.27  ? 8   U   B C5    1 
ATOM   634 C C6    . U   B 2 8  ? 12.806  -7.213  -3.879  1.00 90.59  ? 8   U   B C6    1 
ATOM   635 P P     . G   B 2 9  ? 18.234  -8.847  -4.630  1.00 113.34 ? 9   G   B P     1 
ATOM   636 O OP1   . G   B 2 9  ? 19.024  -8.562  -5.858  1.00 106.89 ? 9   G   B OP1   1 
ATOM   637 O OP2   . G   B 2 9  ? 17.082  -9.777  -4.671  1.00 108.34 ? 9   G   B OP2   1 
ATOM   638 O "O5'" . G   B 2 9  ? 19.141  -9.449  -3.470  1.00 121.04 ? 9   G   B "O5'" 1 
ATOM   639 C "C5'" . G   B 2 9  ? 19.516  -8.672  -2.311  1.00 117.42 ? 9   G   B "C5'" 1 
ATOM   640 C "C4'" . G   B 2 9  ? 18.875  -9.213  -1.059  1.00 108.90 ? 9   G   B "C4'" 1 
ATOM   641 O "O4'" . G   B 2 9  ? 17.477  -8.849  -0.965  1.00 111.96 ? 9   G   B "O4'" 1 
ATOM   642 C "C3'" . G   B 2 9  ? 18.793  -10.721 -0.935  1.00 122.51 ? 9   G   B "C3'" 1 
ATOM   643 O "O3'" . G   B 2 9  ? 20.093  -11.287 -0.785  1.00 125.31 ? 9   G   B "O3'" 1 
ATOM   644 C "C2'" . G   B 2 9  ? 17.801  -10.881 0.221   1.00 113.71 ? 9   G   B "C2'" 1 
ATOM   645 O "O2'" . G   B 2 9  ? 18.369  -10.905 1.511   1.00 114.52 ? 9   G   B "O2'" 1 
ATOM   646 C "C1'" . G   B 2 9  ? 16.865  -9.682  0.010   1.00 106.37 ? 9   G   B "C1'" 1 
ATOM   647 N N9    . G   B 2 9  ? 15.543  -10.094 -0.454  1.00 99.17  ? 9   G   B N9    1 
ATOM   648 C C8    . G   B 2 9  ? 15.062  -10.083 -1.742  1.00 96.34  ? 9   G   B C8    1 
ATOM   649 N N7    . G   B 2 9  ? 13.845  -10.546 -1.838  1.00 91.44  ? 9   G   B N7    1 
ATOM   650 C C5    . G   B 2 9  ? 13.505  -10.895 -0.539  1.00 78.24  ? 9   G   B C5    1 
ATOM   651 C C6    . G   B 2 9  ? 12.315  -11.464 -0.022  1.00 81.03  ? 9   G   B C6    1 
ATOM   652 O O6    . G   B 2 9  ? 11.284  -11.770 -0.626  1.00 92.21  ? 9   G   B O6    1 
ATOM   653 N N1    . G   B 2 9  ? 12.399  -11.677 1.348   1.00 87.50  ? 9   G   B N1    1 
ATOM   654 C C2    . G   B 2 9  ? 13.488  -11.376 2.126   1.00 100.67 ? 9   G   B C2    1 
ATOM   655 N N2    . G   B 2 9  ? 13.372  -11.646 3.434   1.00 107.71 ? 9   G   B N2    1 
ATOM   656 N N3    . G   B 2 9  ? 14.609  -10.851 1.656   1.00 94.57  ? 9   G   B N3    1 
ATOM   657 C C4    . G   B 2 9  ? 14.547  -10.637 0.325   1.00 88.20  ? 9   G   B C4    1 
ATOM   658 P P     . C   B 2 10 ? 20.438  -12.720 -1.439  1.00 136.49 ? 10  C   B P     1 
ATOM   659 O OP1   . C   B 2 10 ? 21.901  -12.920 -1.308  1.00 153.44 ? 10  C   B OP1   1 
ATOM   660 O OP2   . C   B 2 10 ? 19.839  -12.782 -2.804  1.00 121.04 ? 10  C   B OP2   1 
ATOM   661 O "O5'" . C   B 2 10 ? 19.696  -13.737 -0.457  1.00 115.31 ? 10  C   B "O5'" 1 
ATOM   662 C "C5'" . C   B 2 10 ? 20.188  -13.918 0.890   1.00 110.02 ? 10  C   B "C5'" 1 
ATOM   663 C "C4'" . C   B 2 10 ? 19.095  -14.359 1.840   1.00 106.50 ? 10  C   B "C4'" 1 
ATOM   664 O "O4'" . C   B 2 10 ? 17.912  -13.549 1.645   1.00 115.00 ? 10  C   B "O4'" 1 
ATOM   665 C "C3'" . C   B 2 10 ? 18.567  -15.773 1.668   1.00 107.10 ? 10  C   B "C3'" 1 
ATOM   666 O "O3'" . C   B 2 10 ? 19.371  -16.799 2.220   1.00 112.47 ? 10  C   B "O3'" 1 
ATOM   667 C "C2'" . C   B 2 10 ? 17.231  -15.703 2.397   1.00 112.11 ? 10  C   B "C2'" 1 
ATOM   668 O "O2'" . C   B 2 10 ? 17.253  -15.912 3.795   1.00 109.37 ? 10  C   B "O2'" 1 
ATOM   669 C "C1'" . C   B 2 10 ? 16.763  -14.294 2.027   1.00 115.97 ? 10  C   B "C1'" 1 
ATOM   670 N N1    . C   B 2 10 ? 15.781  -14.293 0.921   1.00 120.47 ? 10  C   B N1    1 
ATOM   671 C C2    . C   B 2 10 ? 14.452  -14.620 1.220   1.00 104.05 ? 10  C   B C2    1 
ATOM   672 O O2    . C   B 2 10 ? 14.152  -14.886 2.392   1.00 102.78 ? 10  C   B O2    1 
ATOM   673 N N3    . C   B 2 10 ? 13.532  -14.639 0.226   1.00 95.20  ? 10  C   B N3    1 
ATOM   674 C C4    . C   B 2 10 ? 13.897  -14.351 -1.025  1.00 102.56 ? 10  C   B C4    1 
ATOM   675 N N4    . C   B 2 10 ? 12.958  -14.382 -1.974  1.00 99.70  ? 10  C   B N4    1 
ATOM   676 C C5    . C   B 2 10 ? 15.246  -14.026 -1.362  1.00 116.09 ? 10  C   B C5    1 
ATOM   677 C C6    . C   B 2 10 ? 16.149  -14.020 -0.370  1.00 118.58 ? 10  C   B C6    1 
ATOM   678 P P     . U   B 2 11 ? 19.403  -18.228 1.515   1.00 121.29 ? 11  U   B P     1 
ATOM   679 O OP1   . U   B 2 11 ? 20.290  -19.110 2.314   1.00 137.89 ? 11  U   B OP1   1 
ATOM   680 O OP2   . U   B 2 11 ? 19.701  -17.997 0.072   1.00 115.73 ? 11  U   B OP2   1 
ATOM   681 O "O5'" . U   B 2 11 ? 17.932  -18.796 1.758   1.00 99.02  ? 11  U   B "O5'" 1 
ATOM   682 C "C5'" . U   B 2 11 ? 17.531  -19.203 3.073   1.00 104.63 ? 11  U   B "C5'" 1 
ATOM   683 C "C4'" . U   B 2 11 ? 16.087  -19.636 3.096   1.00 117.16 ? 11  U   B "C4'" 1 
ATOM   684 O "O4'" . U   B 2 11 ? 15.232  -18.583 2.586   1.00 123.85 ? 11  U   B "O4'" 1 
ATOM   685 C "C3'" . U   B 2 11 ? 15.718  -20.834 2.237   1.00 127.14 ? 11  U   B "C3'" 1 
ATOM   686 O "O3'" . U   B 2 11 ? 16.161  -22.060 2.813   1.00 137.05 ? 11  U   B "O3'" 1 
ATOM   687 C "C2'" . U   B 2 11 ? 14.203  -20.678 2.139   1.00 125.33 ? 11  U   B "C2'" 1 
ATOM   688 O "O2'" . U   B 2 11 ? 13.429  -21.099 3.255   1.00 101.36 ? 11  U   B "O2'" 1 
ATOM   689 C "C1'" . U   B 2 11 ? 14.089  -19.164 1.964   1.00 121.73 ? 11  U   B "C1'" 1 
ATOM   690 N N1    . U   B 2 11 ? 14.031  -18.704 0.565   1.00 113.47 ? 11  U   B N1    1 
ATOM   691 C C2    . U   B 2 11 ? 12.810  -18.781 -0.088  1.00 109.83 ? 11  U   B C2    1 
ATOM   692 O O2    . U   B 2 11 ? 11.808  -19.248 0.428   1.00 114.71 ? 11  U   B O2    1 
ATOM   693 N N3    . U   B 2 11 ? 12.813  -18.296 -1.374  1.00 100.12 ? 11  U   B N3    1 
ATOM   694 C C4    . U   B 2 11 ? 13.879  -17.753 -2.060  1.00 106.70 ? 11  U   B C4    1 
ATOM   695 O O4    . U   B 2 11 ? 13.717  -17.359 -3.215  1.00 101.78 ? 11  U   B O4    1 
ATOM   696 C C5    . U   B 2 11 ? 15.102  -17.697 -1.315  1.00 105.48 ? 11  U   B C5    1 
ATOM   697 C C6    . U   B 2 11 ? 15.136  -18.163 -0.059  1.00 105.42 ? 11  U   B C6    1 
ATOM   698 P P     . G   B 2 12 ? 16.768  -23.234 1.889   1.00 142.70 ? 12  G   B P     1 
ATOM   699 O OP1   . G   B 2 12 ? 17.739  -23.990 2.710   1.00 155.98 ? 12  G   B OP1   1 
ATOM   700 O OP2   . G   B 2 12 ? 17.252  -22.642 0.606   1.00 132.81 ? 12  G   B OP2   1 
ATOM   701 O "O5'" . G   B 2 12 ? 15.495  -24.162 1.617   1.00 128.19 ? 12  G   B "O5'" 1 
ATOM   702 C "C5'" . G   B 2 12 ? 14.529  -24.491 2.646   1.00 118.07 ? 12  G   B "C5'" 1 
ATOM   703 C "C4'" . G   B 2 12 ? 13.237  -25.012 2.038   1.00 131.56 ? 12  G   B "C4'" 1 
ATOM   704 O "O4'" . G   B 2 12 ? 12.674  -24.001 1.158   1.00 128.31 ? 12  G   B "O4'" 1 
ATOM   705 C "C3'" . G   B 2 12 ? 13.329  -26.291 1.201   1.00 136.16 ? 12  G   B "C3'" 1 
ATOM   706 O "O3'" . G   B 2 12 ? 12.163  -27.105 1.326   1.00 132.13 ? 12  G   B "O3'" 1 
ATOM   707 C "C2'" . G   B 2 12 ? 13.475  -25.759 -0.222  1.00 132.13 ? 12  G   B "C2'" 1 
ATOM   708 O "O2'" . G   B 2 12 ? 12.989  -26.586 -1.262  1.00 132.71 ? 12  G   B "O2'" 1 
ATOM   709 C "C1'" . G   B 2 12 ? 12.608  -24.505 -0.161  1.00 124.38 ? 12  G   B "C1'" 1 
ATOM   710 N N9    . G   B 2 12 ? 13.038  -23.461 -1.083  1.00 114.68 ? 12  G   B N9    1 
ATOM   711 C C8    . G   B 2 12 ? 14.292  -22.914 -1.232  1.00 113.76 ? 12  G   B C8    1 
ATOM   712 N N7    . G   B 2 12 ? 14.340  -21.988 -2.151  1.00 93.67  ? 12  G   B N7    1 
ATOM   713 C C5    . G   B 2 12 ? 13.047  -21.938 -2.651  1.00 97.78  ? 12  G   B C5    1 
ATOM   714 C C6    . G   B 2 12 ? 12.493  -21.137 -3.678  1.00 95.52  ? 12  G   B C6    1 
ATOM   715 O O6    . G   B 2 12 ? 13.054  -20.286 -4.375  1.00 86.20  ? 12  G   B O6    1 
ATOM   716 N N1    . G   B 2 12 ? 11.138  -21.408 -3.864  1.00 103.17 ? 12  G   B N1    1 
ATOM   717 C C2    . G   B 2 12 ? 10.411  -22.332 -3.147  1.00 102.98 ? 12  G   B C2    1 
ATOM   718 N N2    . G   B 2 12 ? 9.113   -22.452 -3.463  1.00 100.27 ? 12  G   B N2    1 
ATOM   719 N N3    . G   B 2 12 ? 10.917  -23.078 -2.184  1.00 106.56 ? 12  G   B N3    1 
ATOM   720 C C4    . G   B 2 12 ? 12.234  -22.840 -2.000  1.00 106.75 ? 12  G   B C4    1 
HETATM 721 O O3P   . C5P C 3 .  ? 0.612   15.059  2.866   1.00 175.42 ? 101 C5P A O3P   1 
HETATM 722 P P     . C5P C 3 .  ? 0.363   13.492  3.024   1.00 165.19 ? 101 C5P A P     1 
HETATM 723 O O1P   . C5P C 3 .  ? 1.381   12.956  3.965   1.00 144.54 ? 101 C5P A O1P   1 
HETATM 724 O O2P   . C5P C 3 .  ? 0.255   12.900  1.661   1.00 142.16 ? 101 C5P A O2P   1 
HETATM 725 O "O5'" . C5P C 3 .  ? -1.064  13.434  3.736   1.00 152.73 ? 101 C5P A "O5'" 1 
HETATM 726 C "C5'" . C5P C 3 .  ? -1.224  13.735  5.139   1.00 136.55 ? 101 C5P A "C5'" 1 
HETATM 727 C "C4'" . C5P C 3 .  ? -1.450  12.469  5.946   1.00 130.05 ? 101 C5P A "C4'" 1 
HETATM 728 O "O4'" . C5P C 3 .  ? -2.878  12.225  6.069   1.00 127.57 ? 101 C5P A "O4'" 1 
HETATM 729 C "C3'" . C5P C 3 .  ? -0.865  11.170  5.402   1.00 119.79 ? 101 C5P A "C3'" 1 
HETATM 730 O "O3'" . C5P C 3 .  ? 0.436   10.929  5.910   1.00 116.63 ? 101 C5P A "O3'" 1 
HETATM 731 C "C2'" . C5P C 3 .  ? -1.808  10.124  5.972   1.00 116.84 ? 101 C5P A "C2'" 1 
HETATM 732 O "O2'" . C5P C 3 .  ? -1.560  9.861   7.337   1.00 132.66 ? 101 C5P A "O2'" 1 
HETATM 733 C "C1'" . C5P C 3 .  ? -3.147  10.845  5.904   1.00 100.49 ? 101 C5P A "C1'" 1 
HETATM 734 N N1    . C5P C 3 .  ? -3.916  10.658  4.659   1.00 83.98  ? 101 C5P A N1    1 
HETATM 735 C C2    . C5P C 3 .  ? -5.089  9.900   4.717   1.00 83.06  ? 101 C5P A C2    1 
HETATM 736 N N3    . C5P C 3 .  ? -5.832  9.737   3.596   1.00 75.93  ? 101 C5P A N3    1 
HETATM 737 C C4    . C5P C 3 .  ? -5.457  10.326  2.458   1.00 77.35  ? 101 C5P A C4    1 
HETATM 738 C C5    . C5P C 3 .  ? -4.281  11.128  2.375   1.00 70.90  ? 101 C5P A C5    1 
HETATM 739 C C6    . C5P C 3 .  ? -3.543  11.260  3.488   1.00 77.28  ? 101 C5P A C6    1 
HETATM 740 O O2    . C5P C 3 .  ? -5.401  9.366   5.789   1.00 90.39  ? 101 C5P A O2    1 
HETATM 741 N N4    . C5P C 3 .  ? -6.231  10.156  1.383   1.00 83.39  ? 101 C5P A N4    1 
HETATM 742 O O     . HOH D 4 .  ? -22.007 17.444  10.212  1.00 94.96  ? 201 HOH A O     1 
# 
